data_7ZDW
#
_entry.id   7ZDW
#
loop_
_entity.id
_entity.type
_entity.pdbx_description
1 polymer 'ATP-binding/permease protein CydC'
2 polymer 'ATP-binding/permease protein CydD'
3 non-polymer 'HEME B/C'
4 non-polymer 'MAGNESIUM ION'
5 non-polymer 'PHOSPHOAMINOPHOSPHONIC ACID-ADENYLATE ESTER'
#
loop_
_entity_poly.entity_id
_entity_poly.type
_entity_poly.pdbx_seq_one_letter_code
_entity_poly.pdbx_strand_id
1 'polypeptide(L)'
;MRALLPYLALYKRHKWMLSLGIVLAIVTLLASIGLLTLSGWFLSASAVAGVAGLYSFNYMLPAAGVRGAAITRTAGRYFE
RLVSHDATFRVLQHLRIYTFSKLLPLSPAGLARYRQGELLNRVVADVDTLDHLYLRVISPLVGAFVVIMVVTIGLSFLDF
TLAFTLGGIMLLTLFLMPPLFYRAGKSTGQNLTHLRGQYRQQLTAWLQGQAELTIFGASDRYRTQLENTEIQWLEAQRRQ
SELTALSQAIMLLIGALAVILMLWMASGGVGGNAQPGALIALFVFCALAAFEALAPVTGAFQHLGQVIASAVRISDLTDQ
KPEVTFPDTQTRVADRVSLTLRDVQFTYPEQSQQALKGISLQVNAGEHIAILGRTGCGKSTLLQQLTRAWDPQQGEILLN
DSPIASLNEAALRQTISVVPQRVHLFSATLRDNLLLASPGSSDEALSEILRRVGLEKLLEDAGLNSWLGEGGRQLSGGEL
RRLAIARALLHDAPLVLLDQPTEGLDATTESQILELLAEMMREKTVLMVTHRLRGLSRFQQIIVMDNGQIIEQGTHAELL
ARQGRYYQFKQGL
;
C
2 'polypeptide(L)'
;MNKSRQKELTRWLKQQSVISQRWLNISRLLGFVSGILIIAQAWFMARILQHMIMENIPREALLLPFTLLVLTFVLRAWVV
WLRERVGYHAGQHIRFAIRRQVLDRLQQAGPAWIQGKPAGSWATLVLEQIDDMHDYYARYLPQMALAVSVPLLIVVAIFP
SNWAAALILLGTAPLIPLFMALVGMGAADANRRNFLALARLSGHFLDRLRGMETLRIFGRGEAEIESIRSASEDFRQRTM
EVLRLAFLSSGILEFFTSLSIALVAVYFGFSYLGELDFGHYDTGVTLAAGFLALILAPEFFQPLRDLGTFYHAKAQAVGA
ADSLKTFMETPLAHPQRGEAELASTDPVTIEAEELFITSPEGKTLAGPLNFTLPAGQRAVLVGRSGSGKSSLLNALSGFL
SYQGSLRINGIELRDLSPESWRKHLSWVGQNPQLPAATLRDNVLLARPDASEQELQAALDNAWVSEFLPLLPQGVDTPVG
DQAARLSVGQAQRVAVARALLNPCSLLLLDEPAASLDAHSEQRVMEALNAASLRQTTLMVTHQLEDLADWDVIWVMQDGR
IIEQGRYAELSVAGGPFATLLAHRQEEI
;
D
#
# COMPACT_ATOMS: atom_id res chain seq x y z
N MET A 1 17.43 17.92 1.73
CA MET A 1 18.22 17.44 2.86
C MET A 1 17.87 18.21 4.13
N ARG A 2 17.34 19.42 3.95
CA ARG A 2 16.90 20.21 5.11
C ARG A 2 15.65 19.61 5.73
N ALA A 3 14.82 18.93 4.93
CA ALA A 3 13.58 18.37 5.44
C ALA A 3 13.81 17.23 6.41
N LEU A 4 14.97 16.56 6.32
CA LEU A 4 15.24 15.39 7.13
C LEU A 4 15.62 15.73 8.57
N LEU A 5 15.91 16.99 8.87
CA LEU A 5 16.38 17.34 10.21
C LEU A 5 15.43 16.92 11.32
N PRO A 6 14.11 17.09 11.24
CA PRO A 6 13.26 16.60 12.33
C PRO A 6 13.34 15.10 12.53
N TYR A 7 13.71 14.33 11.49
CA TYR A 7 13.75 12.89 11.58
C TYR A 7 15.13 12.32 11.82
N LEU A 8 16.19 13.11 11.61
CA LEU A 8 17.49 12.73 12.13
C LEU A 8 17.55 12.91 13.64
N ALA A 9 16.86 13.91 14.17
CA ALA A 9 16.83 14.11 15.60
C ALA A 9 16.12 12.99 16.34
N LEU A 10 15.39 12.12 15.63
CA LEU A 10 14.82 10.93 16.27
C LEU A 10 15.88 9.86 16.52
N TYR A 11 17.04 9.97 15.87
CA TYR A 11 18.10 8.99 16.05
C TYR A 11 18.87 9.16 17.35
N LYS A 12 18.67 10.26 18.06
CA LYS A 12 19.38 10.45 19.32
C LYS A 12 19.03 9.35 20.31
N ARG A 13 17.77 8.96 20.37
CA ARG A 13 17.40 7.70 20.98
C ARG A 13 17.88 6.58 20.06
N HIS A 14 18.49 5.54 20.63
CA HIS A 14 19.16 4.51 19.86
C HIS A 14 20.23 5.10 18.96
N LYS A 15 21.12 5.88 19.55
CA LYS A 15 22.27 6.40 18.81
C LYS A 15 23.51 5.51 18.96
N TRP A 16 23.42 4.45 19.77
CA TRP A 16 24.51 3.49 19.85
C TRP A 16 24.28 2.30 18.94
N MET A 17 23.05 1.77 18.90
CA MET A 17 22.75 0.70 17.96
C MET A 17 22.84 1.18 16.51
N LEU A 18 22.46 2.43 16.24
CA LEU A 18 22.57 2.94 14.89
C LEU A 18 24.03 3.14 14.49
N SER A 19 24.85 3.68 15.38
CA SER A 19 26.25 3.93 15.06
C SER A 19 27.07 2.65 15.09
N LEU A 20 26.70 1.69 15.93
CA LEU A 20 27.39 0.40 15.93
C LEU A 20 27.18 -0.33 14.60
N GLY A 21 25.98 -0.22 14.03
CA GLY A 21 25.72 -0.84 12.75
C GLY A 21 26.36 -0.13 11.58
N ILE A 22 26.93 1.05 11.79
CA ILE A 22 27.68 1.74 10.75
C ILE A 22 29.16 1.48 11.00
N VAL A 23 29.53 1.30 12.27
CA VAL A 23 30.90 0.93 12.59
C VAL A 23 31.21 -0.46 12.05
N LEU A 24 30.29 -1.41 12.22
CA LEU A 24 30.51 -2.75 11.72
C LEU A 24 30.52 -2.79 10.19
N ALA A 25 29.77 -1.90 9.55
CA ALA A 25 29.79 -1.84 8.10
C ALA A 25 31.16 -1.41 7.59
N ILE A 26 31.79 -0.47 8.28
CA ILE A 26 33.13 -0.03 7.89
C ILE A 26 34.15 -1.12 8.17
N VAL A 27 34.06 -1.75 9.35
CA VAL A 27 35.02 -2.77 9.73
C VAL A 27 34.95 -3.97 8.79
N THR A 28 33.74 -4.35 8.38
CA THR A 28 33.62 -5.41 7.40
C THR A 28 34.26 -5.01 6.08
N LEU A 29 34.05 -3.78 5.64
CA LEU A 29 34.56 -3.34 4.35
C LEU A 29 36.06 -3.12 4.36
N LEU A 30 36.68 -2.99 5.54
CA LEU A 30 38.12 -2.84 5.61
C LEU A 30 38.84 -4.17 5.76
N ALA A 31 38.22 -5.14 6.44
CA ALA A 31 38.74 -6.49 6.40
C ALA A 31 38.63 -7.09 5.01
N SER A 32 37.59 -6.72 4.26
CA SER A 32 37.49 -7.16 2.87
C SER A 32 38.62 -6.57 2.04
N ILE A 33 38.93 -5.29 2.24
CA ILE A 33 40.00 -4.65 1.50
C ILE A 33 41.36 -5.06 2.05
N GLY A 34 41.49 -5.11 3.38
CA GLY A 34 42.76 -5.46 3.97
C GLY A 34 43.21 -6.88 3.64
N LEU A 35 42.27 -7.82 3.63
CA LEU A 35 42.63 -9.22 3.38
C LEU A 35 43.16 -9.40 1.96
N LEU A 36 42.54 -8.75 0.98
CA LEU A 36 43.01 -8.86 -0.39
C LEU A 36 44.27 -8.05 -0.63
N THR A 37 44.43 -6.92 0.07
CA THR A 37 45.66 -6.15 -0.07
C THR A 37 46.82 -6.84 0.63
N LEU A 38 46.58 -7.50 1.77
CA LEU A 38 47.63 -8.26 2.42
C LEU A 38 47.96 -9.52 1.63
N SER A 39 46.95 -10.18 1.07
CA SER A 39 47.21 -11.35 0.23
C SER A 39 48.01 -10.96 -1.01
N GLY A 40 47.64 -9.85 -1.65
CA GLY A 40 48.38 -9.42 -2.82
C GLY A 40 49.84 -9.12 -2.53
N TRP A 41 50.12 -8.57 -1.34
CA TRP A 41 51.51 -8.33 -0.96
C TRP A 41 52.23 -9.63 -0.67
N PHE A 42 51.57 -10.57 0.02
CA PHE A 42 52.23 -11.78 0.47
C PHE A 42 52.72 -12.62 -0.70
N LEU A 43 51.91 -12.76 -1.75
CA LEU A 43 52.38 -13.45 -2.95
C LEU A 43 53.53 -12.71 -3.60
N SER A 44 53.43 -11.39 -3.69
CA SER A 44 54.49 -10.65 -4.34
C SER A 44 55.76 -10.61 -3.50
N ALA A 45 55.62 -10.50 -2.18
CA ALA A 45 56.80 -10.49 -1.32
C ALA A 45 57.51 -11.83 -1.34
N SER A 46 56.76 -12.93 -1.16
CA SER A 46 57.39 -14.25 -1.10
C SER A 46 58.02 -14.63 -2.43
N ALA A 47 57.35 -14.33 -3.54
CA ALA A 47 57.90 -14.68 -4.85
C ALA A 47 59.18 -13.90 -5.13
N VAL A 48 59.21 -12.62 -4.78
CA VAL A 48 60.43 -11.84 -4.95
C VAL A 48 61.53 -12.35 -4.03
N ALA A 49 61.17 -12.68 -2.77
CA ALA A 49 62.15 -13.25 -1.86
C ALA A 49 62.68 -14.57 -2.37
N GLY A 50 61.79 -15.43 -2.86
CA GLY A 50 62.20 -16.72 -3.39
C GLY A 50 62.54 -17.71 -2.29
N VAL A 51 63.11 -18.83 -2.73
CA VAL A 51 63.50 -19.88 -1.80
C VAL A 51 64.61 -19.41 -0.88
N ALA A 52 65.52 -18.57 -1.39
CA ALA A 52 66.69 -18.17 -0.61
C ALA A 52 66.30 -17.40 0.65
N GLY A 53 65.33 -16.51 0.55
CA GLY A 53 64.97 -15.66 1.66
C GLY A 53 63.89 -16.22 2.56
N LEU A 54 63.80 -17.54 2.64
CA LEU A 54 62.78 -18.17 3.49
C LEU A 54 63.00 -17.80 4.96
N TYR A 55 64.24 -17.94 5.44
CA TYR A 55 64.49 -17.76 6.87
C TYR A 55 64.44 -16.30 7.27
N SER A 56 64.67 -15.39 6.34
CA SER A 56 64.65 -13.97 6.62
C SER A 56 63.30 -13.33 6.32
N PHE A 57 62.26 -14.13 6.08
CA PHE A 57 60.99 -13.57 5.62
C PHE A 57 60.07 -13.19 6.77
N ASN A 58 60.01 -14.03 7.82
CA ASN A 58 59.10 -13.83 8.94
C ASN A 58 57.64 -13.80 8.47
N TYR A 59 57.20 -14.96 7.96
CA TYR A 59 55.83 -15.13 7.54
C TYR A 59 54.84 -15.22 8.69
N MET A 60 55.33 -15.29 9.93
CA MET A 60 54.43 -15.50 11.06
C MET A 60 53.50 -14.32 11.28
N LEU A 61 54.00 -13.09 11.10
CA LEU A 61 53.14 -11.92 11.31
C LEU A 61 52.00 -11.86 10.30
N PRO A 62 52.22 -12.03 8.99
CA PRO A 62 51.07 -12.06 8.08
C PRO A 62 50.06 -13.14 8.41
N ALA A 63 50.52 -14.31 8.86
CA ALA A 63 49.59 -15.37 9.22
C ALA A 63 48.67 -14.97 10.37
N ALA A 64 49.14 -14.07 11.24
CA ALA A 64 48.25 -13.53 12.27
C ALA A 64 47.32 -12.48 11.67
N GLY A 65 47.80 -11.72 10.68
CA GLY A 65 46.94 -10.77 10.01
C GLY A 65 45.86 -11.44 9.18
N VAL A 66 46.21 -12.52 8.48
CA VAL A 66 45.22 -13.25 7.70
C VAL A 66 44.15 -13.84 8.60
N ARG A 67 44.54 -14.45 9.72
CA ARG A 67 43.55 -14.96 10.66
C ARG A 67 42.73 -13.82 11.25
N GLY A 68 43.39 -12.71 11.58
CA GLY A 68 42.68 -11.59 12.16
C GLY A 68 41.72 -10.94 11.18
N ALA A 69 42.15 -10.73 9.95
CA ALA A 69 41.33 -10.04 8.95
C ALA A 69 40.32 -10.95 8.28
N ALA A 70 40.29 -12.23 8.64
CA ALA A 70 39.25 -13.13 8.14
C ALA A 70 38.19 -13.43 9.18
N ILE A 71 38.52 -13.35 10.47
CA ILE A 71 37.49 -13.48 11.50
C ILE A 71 36.61 -12.23 11.51
N THR A 72 37.22 -11.05 11.40
CA THR A 72 36.43 -9.83 11.46
C THR A 72 35.63 -9.59 10.19
N ARG A 73 35.98 -10.22 9.08
CA ARG A 73 35.17 -10.11 7.88
C ARG A 73 33.90 -10.94 8.00
N THR A 74 33.97 -12.08 8.69
CA THR A 74 32.79 -12.94 8.83
C THR A 74 31.90 -12.46 9.97
N ALA A 75 32.48 -12.29 11.16
CA ALA A 75 31.69 -11.80 12.28
C ALA A 75 31.20 -10.38 12.04
N GLY A 76 32.03 -9.56 11.38
CA GLY A 76 31.59 -8.22 11.05
C GLY A 76 30.38 -8.19 10.14
N ARG A 77 30.30 -9.12 9.19
CA ARG A 77 29.15 -9.17 8.30
C ARG A 77 27.92 -9.71 9.00
N TYR A 78 28.09 -10.71 9.86
CA TYR A 78 26.94 -11.28 10.55
C TYR A 78 26.33 -10.27 11.52
N PHE A 79 27.16 -9.49 12.21
CA PHE A 79 26.65 -8.53 13.18
C PHE A 79 26.33 -7.18 12.58
N GLU A 80 26.80 -6.88 11.38
CA GLU A 80 26.34 -5.67 10.69
C GLU A 80 24.96 -5.88 10.10
N ARG A 81 24.55 -7.14 9.91
CA ARG A 81 23.20 -7.42 9.49
C ARG A 81 22.24 -7.42 10.66
N LEU A 82 22.61 -8.06 11.78
CA LEU A 82 21.72 -8.08 12.94
C LEU A 82 21.55 -6.69 13.52
N VAL A 83 22.64 -5.96 13.70
CA VAL A 83 22.54 -4.68 14.38
C VAL A 83 21.81 -3.67 13.52
N SER A 84 22.11 -3.63 12.23
CA SER A 84 21.47 -2.68 11.35
C SER A 84 20.03 -3.05 11.02
N HIS A 85 19.62 -4.29 11.28
CA HIS A 85 18.21 -4.64 11.21
C HIS A 85 17.50 -4.40 12.53
N ASP A 86 18.19 -4.64 13.65
CA ASP A 86 17.61 -4.28 14.95
C ASP A 86 17.43 -2.78 15.03
N ALA A 87 18.44 -2.02 14.62
CA ALA A 87 18.35 -0.57 14.64
C ALA A 87 17.27 -0.07 13.70
N THR A 88 16.99 -0.81 12.63
CA THR A 88 15.95 -0.38 11.70
C THR A 88 14.57 -0.61 12.27
N PHE A 89 14.41 -1.63 13.10
CA PHE A 89 13.11 -1.88 13.72
C PHE A 89 12.85 -0.99 14.92
N ARG A 90 13.89 -0.46 15.57
CA ARG A 90 13.67 0.51 16.63
C ARG A 90 13.22 1.85 16.07
N VAL A 91 13.90 2.32 15.02
CA VAL A 91 13.53 3.60 14.43
C VAL A 91 12.18 3.52 13.77
N LEU A 92 11.82 2.37 13.19
CA LEU A 92 10.45 2.21 12.69
C LEU A 92 9.44 2.33 13.82
N GLN A 93 9.79 1.74 14.97
CA GLN A 93 8.90 1.80 16.16
C GLN A 93 8.85 3.25 16.67
N HIS A 94 9.97 3.98 16.58
CA HIS A 94 10.03 5.35 17.07
C HIS A 94 9.40 6.32 16.09
N LEU A 95 9.44 6.03 14.79
CA LEU A 95 8.70 6.82 13.82
C LEU A 95 7.19 6.58 13.92
N ARG A 96 6.78 5.34 14.20
CA ARG A 96 5.37 5.06 14.33
C ARG A 96 4.77 5.77 15.54
N ILE A 97 5.49 5.79 16.65
CA ILE A 97 4.98 6.45 17.85
C ILE A 97 5.00 7.96 17.68
N TYR A 98 6.07 8.51 17.10
CA TYR A 98 6.16 9.94 16.91
C TYR A 98 5.11 10.44 15.93
N THR A 99 4.88 9.72 14.84
CA THR A 99 3.84 10.12 13.90
C THR A 99 2.46 10.06 14.54
N PHE A 100 2.22 9.04 15.35
CA PHE A 100 0.94 8.93 16.03
C PHE A 100 0.77 10.00 17.10
N SER A 101 1.85 10.33 17.82
CA SER A 101 1.78 11.32 18.88
C SER A 101 1.56 12.72 18.32
N LYS A 102 1.99 12.97 17.08
CA LYS A 102 1.80 14.29 16.49
C LYS A 102 0.43 14.42 15.83
N LEU A 103 -0.04 13.35 15.18
CA LEU A 103 -1.34 13.40 14.53
C LEU A 103 -2.50 13.33 15.50
N LEU A 104 -2.26 12.87 16.73
CA LEU A 104 -3.35 12.74 17.69
C LEU A 104 -3.96 14.08 18.07
N PRO A 105 -3.19 15.12 18.45
CA PRO A 105 -3.84 16.36 18.91
C PRO A 105 -4.69 17.04 17.87
N LEU A 106 -4.52 16.70 16.59
CA LEU A 106 -5.34 17.25 15.52
C LEU A 106 -6.06 16.13 14.75
N SER A 107 -6.69 15.21 15.49
CA SER A 107 -7.34 14.07 14.85
C SER A 107 -8.59 14.44 14.06
N PRO A 108 -9.59 15.15 14.63
CA PRO A 108 -10.81 15.41 13.85
C PRO A 108 -10.63 16.47 12.79
N ALA A 109 -9.94 17.56 13.14
CA ALA A 109 -9.74 18.69 12.24
C ALA A 109 -8.32 18.69 11.72
N GLY A 110 -8.11 19.41 10.62
CA GLY A 110 -6.80 19.48 10.03
C GLY A 110 -6.46 18.26 9.21
N LEU A 111 -6.71 17.07 9.78
CA LEU A 111 -6.44 15.84 9.05
C LEU A 111 -7.45 15.58 7.94
N ALA A 112 -8.58 16.29 7.93
CA ALA A 112 -9.54 16.18 6.83
C ALA A 112 -9.10 17.13 5.72
N ARG A 113 -8.04 16.72 5.02
CA ARG A 113 -7.53 17.48 3.89
C ARG A 113 -7.93 16.89 2.55
N TYR A 114 -8.24 15.60 2.50
CA TYR A 114 -8.65 14.92 1.28
C TYR A 114 -9.35 13.63 1.70
N ARG A 115 -9.57 12.74 0.73
CA ARG A 115 -10.09 11.41 1.03
C ARG A 115 -9.13 10.69 1.97
N GLN A 116 -9.57 10.46 3.21
CA GLN A 116 -8.70 9.84 4.19
C GLN A 116 -8.32 8.41 3.82
N GLY A 117 -9.06 7.79 2.91
CA GLY A 117 -8.68 6.46 2.45
C GLY A 117 -7.31 6.42 1.83
N GLU A 118 -6.99 7.44 1.03
CA GLU A 118 -5.67 7.52 0.40
C GLU A 118 -4.66 8.26 1.27
N LEU A 119 -5.09 9.27 2.02
CA LEU A 119 -4.16 10.01 2.86
C LEU A 119 -3.52 9.12 3.90
N LEU A 120 -4.31 8.26 4.55
CA LEU A 120 -3.76 7.45 5.62
C LEU A 120 -2.92 6.30 5.10
N ASN A 121 -3.03 5.99 3.81
CA ASN A 121 -2.21 4.94 3.22
C ASN A 121 -0.88 5.45 2.70
N ARG A 122 -0.80 6.73 2.37
CA ARG A 122 0.44 7.36 1.96
C ARG A 122 1.15 8.03 3.13
N VAL A 123 0.61 7.90 4.33
CA VAL A 123 1.36 8.19 5.54
C VAL A 123 1.98 6.91 6.11
N VAL A 124 1.30 5.78 5.99
CA VAL A 124 1.88 4.51 6.38
C VAL A 124 3.05 4.16 5.47
N ALA A 125 2.91 4.43 4.18
CA ALA A 125 3.96 4.16 3.21
C ALA A 125 5.03 5.23 3.19
N ASP A 126 4.85 6.32 3.94
CA ASP A 126 5.89 7.33 4.09
C ASP A 126 6.70 7.15 5.36
N VAL A 127 6.08 6.67 6.44
CA VAL A 127 6.84 6.28 7.61
C VAL A 127 7.73 5.09 7.28
N ASP A 128 7.26 4.19 6.43
CA ASP A 128 8.09 3.07 6.01
C ASP A 128 9.23 3.52 5.11
N THR A 129 9.11 4.69 4.49
CA THR A 129 10.18 5.21 3.65
C THR A 129 11.17 6.02 4.48
N LEU A 130 10.69 6.75 5.48
CA LEU A 130 11.59 7.35 6.45
C LEU A 130 12.33 6.31 7.28
N ASP A 131 11.89 5.06 7.23
CA ASP A 131 12.59 3.97 7.90
C ASP A 131 13.75 3.43 7.09
N HIS A 132 13.78 3.73 5.79
CA HIS A 132 14.87 3.34 4.92
C HIS A 132 16.02 4.33 4.91
N LEU A 133 15.89 5.45 5.60
CA LEU A 133 16.95 6.45 5.57
C LEU A 133 18.22 5.93 6.23
N TYR A 134 18.11 4.97 7.14
CA TYR A 134 19.30 4.47 7.81
C TYR A 134 20.05 3.44 6.95
N LEU A 135 19.41 2.32 6.65
CA LEU A 135 20.10 1.25 5.93
C LEU A 135 20.28 1.53 4.46
N ARG A 136 19.35 2.24 3.83
CA ARG A 136 19.38 2.39 2.38
C ARG A 136 20.06 3.67 1.93
N VAL A 137 20.23 4.65 2.81
CA VAL A 137 20.86 5.91 2.40
C VAL A 137 22.06 6.22 3.29
N ILE A 138 21.83 6.37 4.59
CA ILE A 138 22.88 6.86 5.47
C ILE A 138 24.01 5.85 5.57
N SER A 139 23.68 4.58 5.79
CA SER A 139 24.72 3.57 5.98
C SER A 139 25.63 3.38 4.77
N PRO A 140 25.14 3.25 3.53
CA PRO A 140 26.07 3.09 2.41
C PRO A 140 26.88 4.33 2.12
N LEU A 141 26.36 5.51 2.44
CA LEU A 141 27.08 6.75 2.14
C LEU A 141 28.11 7.06 3.20
N VAL A 142 27.72 6.98 4.47
CA VAL A 142 28.68 7.25 5.55
C VAL A 142 29.72 6.14 5.60
N GLY A 143 29.30 4.89 5.39
CA GLY A 143 30.24 3.78 5.40
C GLY A 143 31.26 3.85 4.28
N ALA A 144 30.87 4.34 3.11
CA ALA A 144 31.81 4.42 2.00
C ALA A 144 32.79 5.57 2.15
N PHE A 145 32.39 6.66 2.82
CA PHE A 145 33.29 7.78 2.97
C PHE A 145 34.38 7.50 3.99
N VAL A 146 34.04 6.79 5.07
CA VAL A 146 35.04 6.42 6.05
C VAL A 146 36.01 5.40 5.50
N VAL A 147 35.50 4.45 4.71
CA VAL A 147 36.36 3.44 4.08
C VAL A 147 37.31 4.10 3.10
N ILE A 148 36.82 5.10 2.36
CA ILE A 148 37.69 5.83 1.43
C ILE A 148 38.77 6.57 2.20
N MET A 149 38.42 7.17 3.34
CA MET A 149 39.41 7.93 4.10
C MET A 149 40.39 7.02 4.81
N VAL A 150 39.90 5.93 5.41
CA VAL A 150 40.81 5.02 6.12
C VAL A 150 41.81 4.41 5.17
N VAL A 151 41.37 4.00 3.98
CA VAL A 151 42.29 3.46 2.99
C VAL A 151 43.31 4.53 2.60
N THR A 152 42.84 5.73 2.25
CA THR A 152 43.74 6.78 1.79
C THR A 152 44.74 7.17 2.88
N ILE A 153 44.29 7.29 4.13
CA ILE A 153 45.20 7.59 5.23
C ILE A 153 46.21 6.46 5.39
N GLY A 154 45.73 5.22 5.48
CA GLY A 154 46.63 4.10 5.70
C GLY A 154 47.49 3.74 4.52
N LEU A 155 47.07 4.09 3.31
CA LEU A 155 47.83 3.80 2.12
C LEU A 155 48.78 4.92 1.75
N SER A 156 48.79 6.02 2.51
CA SER A 156 49.66 7.14 2.24
C SER A 156 50.98 7.07 2.97
N PHE A 157 51.16 6.12 3.88
CA PHE A 157 52.45 5.95 4.52
C PHE A 157 53.51 5.48 3.54
N LEU A 158 53.10 4.78 2.49
CA LEU A 158 54.05 4.30 1.48
C LEU A 158 54.39 5.39 0.49
N ASP A 159 53.39 5.86 -0.26
CA ASP A 159 53.60 6.87 -1.29
C ASP A 159 52.44 7.84 -1.25
N PHE A 160 52.73 9.09 -0.91
CA PHE A 160 51.67 10.08 -0.76
C PHE A 160 50.94 10.34 -2.08
N THR A 161 51.70 10.47 -3.18
CA THR A 161 51.06 10.75 -4.45
C THR A 161 50.17 9.60 -4.91
N LEU A 162 50.52 8.36 -4.56
CA LEU A 162 49.72 7.22 -4.98
C LEU A 162 48.46 7.07 -4.15
N ALA A 163 48.47 7.52 -2.90
CA ALA A 163 47.27 7.43 -2.08
C ALA A 163 46.23 8.45 -2.52
N PHE A 164 46.64 9.70 -2.75
CA PHE A 164 45.68 10.74 -3.08
C PHE A 164 45.17 10.60 -4.50
N THR A 165 45.91 9.93 -5.38
CA THR A 165 45.39 9.67 -6.72
C THR A 165 44.35 8.56 -6.74
N LEU A 166 44.43 7.61 -5.81
CA LEU A 166 43.38 6.60 -5.68
C LEU A 166 42.24 7.12 -4.83
N GLY A 167 42.54 7.70 -3.68
CA GLY A 167 41.51 8.33 -2.87
C GLY A 167 40.83 9.46 -3.61
N GLY A 168 41.59 10.26 -4.34
CA GLY A 168 41.00 11.34 -5.11
C GLY A 168 40.02 10.85 -6.16
N ILE A 169 40.37 9.77 -6.85
CA ILE A 169 39.44 9.18 -7.82
C ILE A 169 38.20 8.66 -7.11
N MET A 170 38.39 7.95 -5.99
CA MET A 170 37.24 7.42 -5.26
C MET A 170 36.42 8.54 -4.64
N LEU A 171 37.07 9.61 -4.20
CA LEU A 171 36.35 10.71 -3.57
C LEU A 171 35.58 11.55 -4.58
N LEU A 172 36.07 11.66 -5.81
CA LEU A 172 35.29 12.33 -6.84
C LEU A 172 34.03 11.54 -7.16
N THR A 173 34.15 10.24 -7.40
CA THR A 173 32.99 9.45 -7.78
C THR A 173 32.05 9.20 -6.62
N LEU A 174 32.49 9.41 -5.38
CA LEU A 174 31.53 9.40 -4.28
C LEU A 174 30.73 10.70 -4.26
N PHE A 175 31.36 11.81 -4.61
CA PHE A 175 30.72 13.11 -4.49
C PHE A 175 30.24 13.68 -5.82
N LEU A 176 30.82 13.28 -6.93
CA LEU A 176 30.39 13.80 -8.23
C LEU A 176 29.39 12.90 -8.94
N MET A 177 29.46 11.60 -8.76
CA MET A 177 28.61 10.73 -9.55
C MET A 177 27.19 10.61 -9.00
N PRO A 178 26.97 10.34 -7.72
CA PRO A 178 25.60 10.24 -7.21
C PRO A 178 24.80 11.51 -7.45
N PRO A 179 25.36 12.70 -7.25
CA PRO A 179 24.58 13.91 -7.57
C PRO A 179 24.41 14.16 -9.05
N LEU A 180 25.14 13.44 -9.90
CA LEU A 180 25.06 13.70 -11.33
C LEU A 180 24.12 12.74 -12.04
N PHE A 181 24.03 11.50 -11.58
CA PHE A 181 23.01 10.60 -12.09
C PHE A 181 21.64 10.90 -11.51
N TYR A 182 21.59 11.45 -10.29
CA TYR A 182 20.31 11.92 -9.76
C TYR A 182 19.77 13.06 -10.60
N ARG A 183 20.66 13.95 -11.04
CA ARG A 183 20.25 15.11 -11.88
C ARG A 183 19.81 14.61 -13.25
N ALA A 184 20.52 13.61 -13.81
CA ALA A 184 20.18 13.11 -15.13
C ALA A 184 18.86 12.35 -15.11
N GLY A 185 18.55 11.70 -14.00
CA GLY A 185 17.32 10.95 -13.88
C GLY A 185 16.29 11.63 -13.01
N LYS A 186 16.35 12.96 -12.94
CA LYS A 186 15.32 13.71 -12.23
C LYS A 186 14.16 14.04 -13.14
N SER A 187 14.44 14.33 -14.41
CA SER A 187 13.36 14.63 -15.35
C SER A 187 12.50 13.41 -15.61
N THR A 188 13.11 12.24 -15.79
CA THR A 188 12.32 11.03 -15.97
C THR A 188 11.64 10.60 -14.69
N GLY A 189 12.23 10.91 -13.53
CA GLY A 189 11.56 10.65 -12.28
C GLY A 189 10.27 11.45 -12.14
N GLN A 190 10.24 12.60 -12.80
CA GLN A 190 9.01 13.45 -12.80
C GLN A 190 8.01 12.80 -13.77
N ASN A 191 8.48 12.41 -14.95
CA ASN A 191 7.63 11.79 -15.95
C ASN A 191 7.19 10.39 -15.53
N LEU A 192 7.78 9.83 -14.49
CA LEU A 192 7.40 8.52 -14.02
C LEU A 192 6.38 8.60 -12.88
N THR A 193 6.28 9.74 -12.21
CA THR A 193 5.24 9.94 -11.23
C THR A 193 3.96 10.46 -11.88
N HIS A 194 4.12 11.27 -12.92
CA HIS A 194 2.96 11.80 -13.63
C HIS A 194 2.22 10.71 -14.40
N LEU A 195 2.89 9.61 -14.72
CA LEU A 195 2.24 8.50 -15.42
C LEU A 195 1.79 7.39 -14.48
N ARG A 196 2.54 7.12 -13.41
CA ARG A 196 2.11 6.12 -12.45
C ARG A 196 0.86 6.55 -11.71
N GLY A 197 0.75 7.84 -11.41
CA GLY A 197 -0.47 8.36 -10.82
C GLY A 197 -1.58 8.62 -11.81
N GLN A 198 -1.27 8.55 -13.09
CA GLN A 198 -2.28 8.65 -14.13
C GLN A 198 -2.80 7.27 -14.54
N TYR A 199 -1.98 6.24 -14.35
CA TYR A 199 -2.47 4.87 -14.55
C TYR A 199 -3.39 4.45 -13.41
N ARG A 200 -3.05 4.82 -12.17
CA ARG A 200 -3.96 4.54 -11.07
C ARG A 200 -5.26 5.30 -11.20
N GLN A 201 -5.23 6.48 -11.82
CA GLN A 201 -6.48 7.22 -12.04
C GLN A 201 -7.35 6.52 -13.06
N GLN A 202 -6.76 6.11 -14.19
CA GLN A 202 -7.54 5.46 -15.23
C GLN A 202 -7.94 4.05 -14.84
N LEU A 203 -7.11 3.34 -14.08
CA LEU A 203 -7.47 2.00 -13.66
C LEU A 203 -8.61 2.03 -12.65
N THR A 204 -8.50 2.89 -11.64
CA THR A 204 -9.54 2.96 -10.61
C THR A 204 -10.87 3.39 -11.22
N ALA A 205 -10.84 4.30 -12.18
CA ALA A 205 -12.07 4.67 -12.88
C ALA A 205 -12.61 3.51 -13.69
N TRP A 206 -11.72 2.74 -14.32
CA TRP A 206 -12.15 1.62 -15.15
C TRP A 206 -12.67 0.46 -14.32
N LEU A 207 -12.13 0.28 -13.12
CA LEU A 207 -12.61 -0.80 -12.27
C LEU A 207 -13.91 -0.43 -11.57
N GLN A 208 -13.96 0.76 -10.96
CA GLN A 208 -15.18 1.18 -10.28
C GLN A 208 -16.33 1.35 -11.26
N GLY A 209 -16.08 1.97 -12.40
CA GLY A 209 -17.13 2.17 -13.37
C GLY A 209 -17.28 1.02 -14.32
N GLN A 210 -16.99 -0.20 -13.86
CA GLN A 210 -17.09 -1.36 -14.73
C GLN A 210 -18.54 -1.73 -15.00
N ALA A 211 -19.45 -1.38 -14.10
CA ALA A 211 -20.87 -1.60 -14.37
C ALA A 211 -21.38 -0.61 -15.41
N GLU A 212 -20.93 0.64 -15.34
CA GLU A 212 -21.39 1.68 -16.24
C GLU A 212 -20.68 1.64 -17.59
N LEU A 213 -19.64 0.82 -17.74
CA LEU A 213 -18.93 0.72 -19.01
C LEU A 213 -19.34 -0.51 -19.80
N THR A 214 -19.57 -1.64 -19.14
CA THR A 214 -20.05 -2.81 -19.86
C THR A 214 -21.45 -2.59 -20.42
N ILE A 215 -22.31 -1.92 -19.65
CA ILE A 215 -23.67 -1.66 -20.11
C ILE A 215 -23.66 -0.74 -21.32
N PHE A 216 -22.87 0.33 -21.26
CA PHE A 216 -22.83 1.31 -22.33
C PHE A 216 -21.77 0.96 -23.38
N GLY A 217 -21.10 -0.19 -23.26
CA GLY A 217 -20.27 -0.72 -24.32
C GLY A 217 -18.87 -0.16 -24.39
N ALA A 218 -18.45 0.66 -23.43
CA ALA A 218 -17.15 1.30 -23.50
C ALA A 218 -16.08 0.61 -22.68
N SER A 219 -16.36 -0.59 -22.17
CA SER A 219 -15.36 -1.29 -21.36
C SER A 219 -14.14 -1.68 -22.16
N ASP A 220 -14.26 -1.76 -23.47
CA ASP A 220 -13.15 -2.18 -24.32
C ASP A 220 -12.41 -1.01 -24.94
N ARG A 221 -13.01 0.17 -25.01
CA ARG A 221 -12.32 1.35 -25.50
C ARG A 221 -11.79 2.23 -24.39
N TYR A 222 -12.26 2.04 -23.16
CA TYR A 222 -11.65 2.67 -22.00
C TYR A 222 -10.58 1.80 -21.37
N ARG A 223 -10.45 0.55 -21.82
CA ARG A 223 -9.31 -0.27 -21.47
C ARG A 223 -8.18 -0.13 -22.48
N THR A 224 -8.47 0.35 -23.68
CA THR A 224 -7.41 0.58 -24.65
C THR A 224 -6.59 1.81 -24.29
N GLN A 225 -7.22 2.89 -23.85
CA GLN A 225 -6.41 4.01 -23.39
C GLN A 225 -5.77 3.70 -22.05
N LEU A 226 -6.35 2.80 -21.27
CA LEU A 226 -5.69 2.33 -20.07
C LEU A 226 -4.43 1.56 -20.44
N GLU A 227 -4.54 0.66 -21.42
CA GLU A 227 -3.38 -0.07 -21.89
C GLU A 227 -2.38 0.84 -22.60
N ASN A 228 -2.87 1.98 -23.09
CA ASN A 228 -2.02 2.98 -23.79
C ASN A 228 -1.21 3.78 -22.77
N THR A 229 -1.75 3.98 -21.57
CA THR A 229 -1.02 4.70 -20.53
C THR A 229 0.04 3.81 -19.91
N GLU A 230 -0.25 2.51 -19.78
CA GLU A 230 0.74 1.58 -19.29
C GLU A 230 1.93 1.51 -20.23
N ILE A 231 1.68 1.57 -21.54
CA ILE A 231 2.77 1.49 -22.50
C ILE A 231 3.68 2.71 -22.39
N GLN A 232 3.10 3.91 -22.26
CA GLN A 232 3.93 5.08 -22.00
C GLN A 232 4.61 4.99 -20.65
N TRP A 233 3.90 4.46 -19.65
CA TRP A 233 4.48 4.28 -18.33
C TRP A 233 5.65 3.31 -18.38
N LEU A 234 5.50 2.18 -19.09
CA LEU A 234 6.58 1.22 -19.18
C LEU A 234 7.75 1.78 -19.98
N GLU A 235 7.48 2.57 -21.02
CA GLU A 235 8.56 3.21 -21.75
C GLU A 235 9.34 4.16 -20.86
N ALA A 236 8.64 4.95 -20.04
CA ALA A 236 9.33 5.82 -19.10
C ALA A 236 10.06 5.02 -18.03
N GLN A 237 9.65 3.80 -17.77
CA GLN A 237 10.40 2.94 -16.86
C GLN A 237 11.63 2.37 -17.54
N ARG A 238 11.58 2.21 -18.87
CA ARG A 238 12.76 1.71 -19.59
C ARG A 238 13.87 2.76 -19.60
N ARG A 239 13.51 4.03 -19.79
CA ARG A 239 14.51 5.08 -19.78
C ARG A 239 15.17 5.22 -18.41
N GLN A 240 14.39 5.12 -17.34
CA GLN A 240 14.98 5.16 -16.00
C GLN A 240 15.87 3.96 -15.76
N SER A 241 15.51 2.80 -16.32
CA SER A 241 16.36 1.62 -16.20
C SER A 241 17.52 1.67 -17.18
N GLU A 242 17.37 2.41 -18.29
CA GLU A 242 18.48 2.63 -19.19
C GLU A 242 19.50 3.61 -18.62
N LEU A 243 19.21 4.19 -17.46
CA LEU A 243 20.13 5.06 -16.75
C LEU A 243 20.84 4.35 -15.60
N THR A 244 20.13 3.47 -14.88
CA THR A 244 20.79 2.65 -13.88
C THR A 244 21.79 1.70 -14.52
N ALA A 245 21.53 1.30 -15.77
CA ALA A 245 22.50 0.48 -16.49
C ALA A 245 23.71 1.29 -16.95
N LEU A 246 23.63 2.62 -16.89
CA LEU A 246 24.79 3.44 -17.20
C LEU A 246 25.65 3.66 -15.97
N SER A 247 25.04 3.88 -14.81
CA SER A 247 25.81 4.00 -13.58
C SER A 247 26.44 2.69 -13.16
N GLN A 248 26.02 1.57 -13.75
CA GLN A 248 26.65 0.29 -13.48
C GLN A 248 27.81 0.00 -14.42
N ALA A 249 27.84 0.66 -15.58
CA ALA A 249 28.99 0.54 -16.46
C ALA A 249 30.07 1.54 -16.07
N ILE A 250 29.67 2.78 -15.78
CA ILE A 250 30.64 3.81 -15.41
C ILE A 250 31.36 3.44 -14.13
N MET A 251 30.65 2.84 -13.17
CA MET A 251 31.30 2.31 -11.98
C MET A 251 32.34 1.27 -12.34
N LEU A 252 32.07 0.47 -13.36
CA LEU A 252 33.04 -0.55 -13.77
C LEU A 252 34.15 0.03 -14.62
N LEU A 253 33.97 1.25 -15.12
CA LEU A 253 35.06 1.92 -15.83
C LEU A 253 35.93 2.72 -14.89
N ILE A 254 35.31 3.43 -13.94
CA ILE A 254 36.10 4.16 -12.95
C ILE A 254 36.91 3.20 -12.09
N GLY A 255 36.31 2.08 -11.68
CA GLY A 255 37.06 1.07 -10.97
C GLY A 255 38.13 0.43 -11.82
N ALA A 256 38.09 0.65 -13.12
CA ALA A 256 39.12 0.18 -14.03
C ALA A 256 40.15 1.25 -14.34
N LEU A 257 39.76 2.53 -14.27
CA LEU A 257 40.74 3.59 -14.35
C LEU A 257 41.69 3.56 -13.17
N ALA A 258 41.17 3.27 -11.98
CA ALA A 258 42.02 3.20 -10.79
C ALA A 258 43.00 2.04 -10.88
N VAL A 259 42.55 0.88 -11.36
CA VAL A 259 43.44 -0.27 -11.48
C VAL A 259 44.54 0.02 -12.48
N ILE A 260 44.19 0.62 -13.62
CA ILE A 260 45.18 0.93 -14.64
C ILE A 260 46.20 1.93 -14.13
N LEU A 261 45.74 2.96 -13.42
CA LEU A 261 46.66 3.97 -12.91
C LEU A 261 47.61 3.38 -11.87
N MET A 262 47.10 2.51 -10.98
CA MET A 262 47.97 1.90 -9.99
C MET A 262 48.98 0.94 -10.63
N LEU A 263 48.58 0.21 -11.67
CA LEU A 263 49.54 -0.59 -12.41
C LEU A 263 50.58 0.29 -13.08
N TRP A 264 50.14 1.43 -13.61
CA TRP A 264 51.05 2.28 -14.39
C TRP A 264 51.90 3.16 -13.48
N MET A 265 51.26 3.93 -12.60
CA MET A 265 52.00 4.92 -11.85
C MET A 265 52.82 4.31 -10.72
N ALA A 266 52.40 3.16 -10.20
CA ALA A 266 53.24 2.46 -9.24
C ALA A 266 54.30 1.60 -9.91
N SER A 267 54.25 1.47 -11.23
CA SER A 267 55.36 0.83 -11.94
C SER A 267 56.64 1.64 -11.77
N GLY A 268 56.52 2.96 -11.78
CA GLY A 268 57.62 3.81 -11.41
C GLY A 268 57.87 3.76 -9.92
N GLY A 269 58.45 4.81 -9.36
CA GLY A 269 58.75 4.83 -7.95
C GLY A 269 57.54 4.80 -7.04
N VAL A 270 57.56 3.91 -6.05
CA VAL A 270 56.61 3.96 -4.94
C VAL A 270 57.33 4.56 -3.76
N GLY A 271 57.05 5.83 -3.46
CA GLY A 271 57.79 6.53 -2.44
C GLY A 271 59.21 6.77 -2.90
N GLY A 272 60.17 6.57 -2.00
CA GLY A 272 61.56 6.75 -2.36
C GLY A 272 62.07 5.70 -3.33
N ASN A 273 61.63 4.46 -3.15
CA ASN A 273 62.15 3.36 -3.95
C ASN A 273 61.84 3.57 -5.42
N ALA A 274 62.79 3.18 -6.28
CA ALA A 274 62.64 3.32 -7.72
C ALA A 274 62.08 2.08 -8.39
N GLN A 275 62.37 0.89 -7.86
CA GLN A 275 61.68 -0.33 -8.26
C GLN A 275 60.95 -0.88 -7.04
N PRO A 276 59.61 -0.79 -7.02
CA PRO A 276 58.89 -1.11 -5.78
C PRO A 276 58.92 -2.58 -5.43
N GLY A 277 58.79 -3.47 -6.41
CA GLY A 277 58.71 -4.88 -6.14
C GLY A 277 57.37 -5.27 -5.56
N ALA A 278 57.37 -5.72 -4.30
CA ALA A 278 56.12 -6.16 -3.69
C ALA A 278 55.14 -5.03 -3.46
N LEU A 279 55.60 -3.79 -3.45
CA LEU A 279 54.71 -2.67 -3.18
C LEU A 279 53.78 -2.37 -4.35
N ILE A 280 54.11 -2.85 -5.56
CA ILE A 280 53.21 -2.67 -6.68
C ILE A 280 51.91 -3.42 -6.45
N ALA A 281 52.01 -4.68 -6.03
CA ALA A 281 50.83 -5.51 -5.84
C ALA A 281 49.98 -5.03 -4.68
N LEU A 282 50.60 -4.40 -3.68
CA LEU A 282 49.83 -3.87 -2.55
C LEU A 282 48.88 -2.77 -3.01
N PHE A 283 49.34 -1.91 -3.91
CA PHE A 283 48.49 -0.82 -4.38
C PHE A 283 47.43 -1.31 -5.35
N VAL A 284 47.81 -2.19 -6.28
CA VAL A 284 46.87 -2.65 -7.31
C VAL A 284 45.74 -3.44 -6.68
N PHE A 285 46.07 -4.36 -5.77
CA PHE A 285 45.03 -5.17 -5.14
C PHE A 285 44.18 -4.36 -4.17
N CYS A 286 44.66 -3.20 -3.74
CA CYS A 286 43.82 -2.30 -2.95
C CYS A 286 42.83 -1.55 -3.83
N ALA A 287 43.23 -1.21 -5.06
CA ALA A 287 42.30 -0.56 -5.98
C ALA A 287 41.27 -1.55 -6.52
N LEU A 288 41.59 -2.84 -6.51
CA LEU A 288 40.63 -3.85 -6.95
C LEU A 288 39.50 -3.99 -5.96
N ALA A 289 39.82 -4.09 -4.68
CA ALA A 289 38.81 -4.34 -3.66
C ALA A 289 38.20 -3.07 -3.08
N ALA A 290 38.82 -1.91 -3.32
CA ALA A 290 38.30 -0.68 -2.73
C ALA A 290 36.94 -0.33 -3.30
N PHE A 291 36.76 -0.51 -4.60
CA PHE A 291 35.52 -0.06 -5.21
C PHE A 291 34.35 -0.92 -4.89
N GLU A 292 34.51 -1.90 -4.00
CA GLU A 292 33.36 -2.62 -3.49
C GLU A 292 32.54 -1.75 -2.56
N ALA A 293 33.18 -0.83 -1.86
CA ALA A 293 32.46 0.09 -0.98
C ALA A 293 31.65 1.12 -1.75
N LEU A 294 32.01 1.39 -2.99
CA LEU A 294 31.30 2.37 -3.81
C LEU A 294 30.18 1.76 -4.62
N ALA A 295 29.91 0.47 -4.47
CA ALA A 295 28.82 -0.15 -5.22
C ALA A 295 27.46 0.47 -4.88
N PRO A 296 27.05 0.59 -3.62
CA PRO A 296 25.69 1.06 -3.33
C PRO A 296 25.52 2.57 -3.27
N VAL A 297 26.58 3.37 -3.40
CA VAL A 297 26.46 4.80 -3.14
C VAL A 297 25.58 5.48 -4.16
N THR A 298 25.60 5.05 -5.41
CA THR A 298 24.74 5.67 -6.42
C THR A 298 23.28 5.43 -6.09
N GLY A 299 22.87 4.17 -6.03
CA GLY A 299 21.48 3.85 -5.73
C GLY A 299 21.04 4.36 -4.38
N ALA A 300 21.97 4.47 -3.42
CA ALA A 300 21.66 5.06 -2.13
C ALA A 300 21.41 6.56 -2.22
N PHE A 301 21.61 7.18 -3.37
CA PHE A 301 21.34 8.61 -3.51
C PHE A 301 20.02 8.91 -4.21
N GLN A 302 19.61 8.10 -5.20
CA GLN A 302 18.26 8.27 -5.72
C GLN A 302 17.21 7.88 -4.70
N HIS A 303 17.50 6.91 -3.83
CA HIS A 303 16.57 6.64 -2.75
C HIS A 303 16.59 7.73 -1.69
N LEU A 304 17.50 8.69 -1.77
CA LEU A 304 17.40 9.88 -0.94
C LEU A 304 16.37 10.84 -1.47
N GLY A 305 16.09 10.81 -2.77
CA GLY A 305 15.00 11.61 -3.29
C GLY A 305 13.64 11.15 -2.78
N GLN A 306 13.45 9.84 -2.70
CA GLN A 306 12.20 9.30 -2.16
C GLN A 306 12.06 9.62 -0.67
N VAL A 307 13.15 9.51 0.09
CA VAL A 307 13.05 9.73 1.53
C VAL A 307 12.80 11.19 1.85
N ILE A 308 13.44 12.10 1.11
CA ILE A 308 13.16 13.53 1.32
C ILE A 308 11.76 13.87 0.86
N ALA A 309 11.32 13.27 -0.26
CA ALA A 309 9.97 13.51 -0.73
C ALA A 309 8.95 13.15 0.34
N SER A 310 9.22 12.11 1.10
CA SER A 310 8.34 11.68 2.17
C SER A 310 8.61 12.39 3.49
N ALA A 311 9.73 13.09 3.61
CA ALA A 311 10.00 13.83 4.83
C ALA A 311 9.33 15.18 4.84
N VAL A 312 8.87 15.67 3.70
CA VAL A 312 8.04 16.87 3.68
C VAL A 312 6.57 16.51 3.78
N ARG A 313 6.17 15.33 3.30
CA ARG A 313 4.80 14.90 3.42
C ARG A 313 4.41 14.69 4.88
N ILE A 314 5.29 14.05 5.64
CA ILE A 314 5.01 13.85 7.07
C ILE A 314 5.11 15.17 7.82
N SER A 315 6.09 16.00 7.47
CA SER A 315 6.21 17.29 8.12
C SER A 315 5.07 18.24 7.77
N ASP A 316 4.35 17.97 6.67
CA ASP A 316 3.19 18.78 6.36
C ASP A 316 2.04 18.50 7.32
N LEU A 317 1.84 17.23 7.68
CA LEU A 317 0.72 16.86 8.55
C LEU A 317 1.07 17.02 10.02
N THR A 318 2.20 16.45 10.44
CA THR A 318 2.53 16.45 11.86
C THR A 318 2.74 17.87 12.38
N ASP A 319 3.40 18.72 11.60
CA ASP A 319 3.71 20.08 12.04
C ASP A 319 2.62 21.05 11.55
N GLN A 320 1.41 20.72 11.98
CA GLN A 320 0.19 21.55 11.78
C GLN A 320 -0.20 22.10 13.15
N LYS A 321 -0.96 23.19 13.16
CA LYS A 321 -1.36 23.81 14.41
C LYS A 321 -2.69 23.23 14.87
N PRO A 322 -2.74 22.56 16.02
CA PRO A 322 -4.03 22.12 16.56
C PRO A 322 -4.90 23.33 16.91
N GLU A 323 -6.21 23.15 16.74
CA GLU A 323 -7.16 24.21 17.01
C GLU A 323 -7.69 24.20 18.43
N VAL A 324 -7.27 23.23 19.25
CA VAL A 324 -7.78 23.09 20.60
C VAL A 324 -6.61 22.93 21.56
N THR A 325 -6.70 23.62 22.70
CA THR A 325 -5.71 23.50 23.76
C THR A 325 -6.42 23.15 25.06
N PHE A 326 -5.71 22.45 25.94
CA PHE A 326 -6.30 21.95 27.16
C PHE A 326 -5.50 22.39 28.37
N PRO A 327 -6.14 22.97 29.39
CA PRO A 327 -5.43 23.27 30.63
C PRO A 327 -4.90 22.01 31.30
N ASP A 328 -3.74 22.13 31.93
CA ASP A 328 -3.10 21.00 32.60
C ASP A 328 -3.39 21.02 34.09
N THR A 329 -4.66 20.85 34.42
CA THR A 329 -5.13 20.84 35.79
C THR A 329 -5.83 19.51 36.08
N GLN A 330 -5.84 19.13 37.35
CA GLN A 330 -6.52 17.91 37.78
C GLN A 330 -7.84 18.28 38.45
N THR A 331 -8.93 17.72 37.94
CA THR A 331 -10.26 17.96 38.48
C THR A 331 -11.01 16.64 38.60
N ARG A 332 -12.03 16.65 39.47
CA ARG A 332 -12.91 15.48 39.73
C ARG A 332 -14.13 15.58 38.80
N VAL A 333 -14.51 14.45 38.20
CA VAL A 333 -15.64 14.42 37.26
C VAL A 333 -16.92 14.21 38.07
N ALA A 334 -17.86 15.14 37.91
CA ALA A 334 -19.10 15.08 38.66
C ALA A 334 -19.98 13.95 38.14
N ASP A 335 -20.96 13.56 38.95
CA ASP A 335 -21.91 12.52 38.58
C ASP A 335 -23.24 13.08 38.09
N ARG A 336 -23.36 14.39 37.97
CA ARG A 336 -24.61 15.03 37.56
C ARG A 336 -24.24 16.23 36.70
N VAL A 337 -24.42 16.13 35.39
CA VAL A 337 -23.97 17.16 34.46
C VAL A 337 -25.18 17.85 33.86
N SER A 338 -25.23 19.17 33.98
CA SER A 338 -26.29 20.00 33.43
C SER A 338 -25.68 20.85 32.31
N LEU A 339 -25.65 20.29 31.12
CA LEU A 339 -25.11 21.00 29.97
C LEU A 339 -25.97 22.22 29.66
N THR A 340 -25.33 23.36 29.42
CA THR A 340 -26.03 24.59 29.06
C THR A 340 -25.31 25.23 27.88
N LEU A 341 -26.02 25.35 26.76
CA LEU A 341 -25.51 26.01 25.56
C LEU A 341 -26.02 27.44 25.52
N ARG A 342 -25.21 28.34 24.98
CA ARG A 342 -25.63 29.73 24.79
C ARG A 342 -24.98 30.29 23.54
N ASP A 343 -25.82 30.65 22.55
CA ASP A 343 -25.41 31.38 21.36
C ASP A 343 -24.27 30.67 20.63
N VAL A 344 -24.43 29.37 20.45
CA VAL A 344 -23.45 28.54 19.74
C VAL A 344 -24.09 27.97 18.49
N GLN A 345 -23.38 28.07 17.37
CA GLN A 345 -23.94 27.68 16.09
C GLN A 345 -24.15 26.17 16.02
N PHE A 346 -25.22 25.77 15.33
CA PHE A 346 -25.53 24.36 15.13
C PHE A 346 -25.13 23.87 13.75
N THR A 347 -24.82 24.75 12.82
CA THR A 347 -24.49 24.32 11.46
C THR A 347 -23.68 25.40 10.78
N TYR A 348 -22.67 24.98 10.01
CA TYR A 348 -21.94 25.92 9.18
C TYR A 348 -22.89 26.60 8.20
N PRO A 349 -22.68 27.89 7.99
CA PRO A 349 -23.58 28.67 7.14
C PRO A 349 -23.65 28.07 5.74
N GLU A 350 -24.88 27.79 5.29
CA GLU A 350 -25.14 27.18 4.00
C GLU A 350 -26.01 28.10 3.16
N GLN A 351 -25.81 28.06 1.85
CA GLN A 351 -26.55 28.90 0.90
C GLN A 351 -26.36 30.39 1.19
N SER A 352 -25.21 30.73 1.76
CA SER A 352 -24.85 32.13 2.05
C SER A 352 -25.92 32.83 2.87
N GLN A 353 -26.41 32.15 3.90
CA GLN A 353 -27.44 32.74 4.76
C GLN A 353 -26.93 33.98 5.46
N GLN A 354 -25.73 33.90 6.05
CA GLN A 354 -25.08 35.02 6.72
C GLN A 354 -25.93 35.59 7.86
N ALA A 355 -26.86 34.78 8.38
CA ALA A 355 -27.72 35.23 9.47
C ALA A 355 -27.95 34.18 10.55
N LEU A 356 -27.38 32.99 10.42
CA LEU A 356 -27.62 31.92 11.39
C LEU A 356 -26.93 32.26 12.70
N LYS A 357 -27.73 32.56 13.73
CA LYS A 357 -27.23 32.84 15.06
C LYS A 357 -27.15 31.57 15.88
N GLY A 358 -26.49 31.65 17.03
CA GLY A 358 -26.32 30.48 17.86
C GLY A 358 -27.57 30.18 18.67
N ILE A 359 -27.86 28.89 18.81
CA ILE A 359 -28.96 28.44 19.64
C ILE A 359 -28.58 28.64 21.10
N SER A 360 -29.57 28.57 21.99
CA SER A 360 -29.32 28.79 23.42
C SER A 360 -30.03 27.76 24.28
N LEU A 361 -30.09 26.52 23.81
CA LEU A 361 -30.80 25.48 24.55
C LEU A 361 -30.11 25.18 25.87
N GLN A 362 -30.92 24.80 26.86
CA GLN A 362 -30.43 24.43 28.19
C GLN A 362 -30.85 23.01 28.48
N VAL A 363 -29.93 22.21 29.00
CA VAL A 363 -30.19 20.81 29.33
C VAL A 363 -30.12 20.67 30.84
N ASN A 364 -31.14 20.06 31.43
CA ASN A 364 -31.15 19.87 32.87
C ASN A 364 -30.13 18.81 33.27
N ALA A 365 -29.97 18.64 34.58
CA ALA A 365 -28.90 17.81 35.09
C ALA A 365 -29.07 16.35 34.71
N GLY A 366 -30.31 15.87 34.59
CA GLY A 366 -30.52 14.48 34.27
C GLY A 366 -31.66 14.22 33.30
N GLU A 367 -31.98 15.18 32.46
CA GLU A 367 -33.10 15.07 31.55
C GLU A 367 -32.59 14.80 30.14
N HIS A 368 -33.22 13.85 29.47
CA HIS A 368 -32.89 13.52 28.10
C HIS A 368 -33.38 14.61 27.15
N ILE A 369 -32.62 14.83 26.08
CA ILE A 369 -32.99 15.79 25.04
C ILE A 369 -32.94 15.06 23.71
N ALA A 370 -33.63 15.61 22.72
CA ALA A 370 -33.66 15.01 21.38
C ALA A 370 -33.74 16.14 20.36
N ILE A 371 -32.59 16.55 19.83
CA ILE A 371 -32.57 17.57 18.79
C ILE A 371 -32.96 16.92 17.46
N LEU A 372 -34.08 17.38 16.91
CA LEU A 372 -34.67 16.80 15.70
C LEU A 372 -34.60 17.84 14.61
N GLY A 373 -33.72 17.64 13.63
CA GLY A 373 -33.52 18.61 12.58
C GLY A 373 -33.69 17.99 11.21
N ARG A 374 -33.96 18.85 10.23
CA ARG A 374 -34.15 18.40 8.86
C ARG A 374 -32.88 17.78 8.32
N THR A 375 -33.04 16.74 7.51
CA THR A 375 -31.91 16.09 6.87
C THR A 375 -31.58 16.80 5.55
N GLY A 376 -30.29 16.91 5.28
CA GLY A 376 -29.83 17.57 4.07
C GLY A 376 -29.74 19.08 4.14
N CYS A 377 -30.14 19.68 5.25
CA CYS A 377 -30.00 21.13 5.38
C CYS A 377 -28.54 21.52 5.62
N GLY A 378 -27.86 20.79 6.49
CA GLY A 378 -26.48 21.08 6.80
C GLY A 378 -25.95 20.08 7.81
N LYS A 379 -24.64 20.12 8.01
CA LYS A 379 -23.99 19.20 8.92
C LYS A 379 -24.40 19.51 10.36
N SER A 380 -24.46 18.45 11.17
CA SER A 380 -24.94 18.60 12.55
C SER A 380 -23.93 19.37 13.41
N THR A 381 -22.65 19.02 13.32
CA THR A 381 -21.53 19.73 13.92
C THR A 381 -21.81 20.24 15.34
N LEU A 382 -22.64 19.50 16.08
CA LEU A 382 -22.92 19.83 17.47
C LEU A 382 -22.14 18.97 18.45
N LEU A 383 -21.87 17.72 18.08
CA LEU A 383 -21.07 16.85 18.93
C LEU A 383 -19.60 17.25 18.85
N GLN A 384 -19.19 17.89 17.77
CA GLN A 384 -17.80 18.34 17.64
C GLN A 384 -17.46 19.34 18.74
N GLN A 385 -18.34 20.32 18.95
CA GLN A 385 -18.05 21.35 19.94
C GLN A 385 -18.13 20.80 21.36
N LEU A 386 -19.02 19.84 21.61
CA LEU A 386 -19.11 19.25 22.93
C LEU A 386 -17.90 18.37 23.23
N THR A 387 -17.38 17.66 22.24
CA THR A 387 -16.16 16.91 22.40
C THR A 387 -14.92 17.72 22.04
N ARG A 388 -15.10 19.01 21.76
CA ARG A 388 -14.01 19.94 21.52
C ARG A 388 -13.15 19.50 20.32
N ALA A 389 -13.82 19.17 19.22
CA ALA A 389 -13.09 19.00 17.97
C ALA A 389 -12.48 20.32 17.52
N TRP A 390 -13.19 21.42 17.74
CA TRP A 390 -12.68 22.76 17.50
C TRP A 390 -13.43 23.74 18.38
N ASP A 391 -12.71 24.68 18.96
CA ASP A 391 -13.33 25.63 19.88
C ASP A 391 -14.33 26.50 19.13
N PRO A 392 -15.56 26.62 19.62
CA PRO A 392 -16.57 27.40 18.90
C PRO A 392 -16.21 28.87 18.85
N GLN A 393 -16.69 29.54 17.80
CA GLN A 393 -16.39 30.99 17.59
C GLN A 393 -17.61 31.85 17.87
N GLN A 394 -18.83 31.29 17.88
CA GLN A 394 -20.01 32.09 18.13
C GLN A 394 -20.14 32.44 19.60
N GLY A 395 -20.33 31.43 20.44
CA GLY A 395 -20.60 31.67 21.84
C GLY A 395 -19.82 30.72 22.72
N GLU A 396 -20.39 30.44 23.89
CA GLU A 396 -19.73 29.63 24.90
C GLU A 396 -20.57 28.41 25.26
N ILE A 397 -19.89 27.28 25.42
CA ILE A 397 -20.50 26.05 25.93
C ILE A 397 -20.17 25.96 27.42
N LEU A 398 -21.19 25.87 28.25
CA LEU A 398 -21.01 25.72 29.69
C LEU A 398 -21.46 24.34 30.09
N LEU A 399 -20.55 23.58 30.70
CA LEU A 399 -20.81 22.21 31.13
C LEU A 399 -20.80 22.19 32.65
N ASN A 400 -21.97 21.94 33.24
CA ASN A 400 -22.13 21.94 34.69
C ASN A 400 -21.70 23.27 35.31
N ASP A 401 -22.03 24.36 34.62
CA ASP A 401 -21.73 25.72 35.07
C ASP A 401 -20.24 25.92 35.30
N SER A 402 -19.43 25.45 34.35
CA SER A 402 -17.99 25.68 34.31
C SER A 402 -17.63 25.59 32.84
N PRO A 403 -16.79 26.49 32.33
CA PRO A 403 -16.49 26.49 30.89
C PRO A 403 -15.90 25.17 30.45
N ILE A 404 -16.35 24.69 29.28
CA ILE A 404 -15.86 23.41 28.79
C ILE A 404 -14.39 23.51 28.41
N ALA A 405 -13.95 24.69 27.95
CA ALA A 405 -12.54 24.88 27.66
C ALA A 405 -11.69 24.84 28.93
N SER A 406 -12.32 25.03 30.10
CA SER A 406 -11.60 24.98 31.36
C SER A 406 -11.52 23.57 31.93
N LEU A 407 -12.00 22.57 31.20
CA LEU A 407 -11.99 21.20 31.68
C LEU A 407 -10.80 20.45 31.09
N ASN A 408 -10.13 19.68 31.94
CA ASN A 408 -8.93 18.95 31.54
C ASN A 408 -9.28 17.86 30.52
N GLU A 409 -8.30 17.53 29.68
CA GLU A 409 -8.53 16.56 28.62
C GLU A 409 -8.92 15.20 29.18
N ALA A 410 -8.19 14.73 30.20
CA ALA A 410 -8.52 13.43 30.79
C ALA A 410 -9.85 13.47 31.52
N ALA A 411 -10.30 14.65 31.93
CA ALA A 411 -11.58 14.76 32.63
C ALA A 411 -12.72 15.03 31.66
N LEU A 412 -12.45 15.77 30.58
CA LEU A 412 -13.48 15.98 29.56
C LEU A 412 -13.85 14.66 28.90
N ARG A 413 -12.87 13.79 28.64
CA ARG A 413 -13.16 12.50 28.04
C ARG A 413 -13.95 11.60 28.98
N GLN A 414 -13.91 11.90 30.29
CA GLN A 414 -14.62 11.05 31.29
C GLN A 414 -16.01 11.61 31.60
N THR A 415 -16.25 12.89 31.29
CA THR A 415 -17.55 13.49 31.54
C THR A 415 -18.49 13.41 30.34
N ILE A 416 -18.00 12.97 29.20
CA ILE A 416 -18.80 12.88 27.97
C ILE A 416 -18.49 11.56 27.29
N SER A 417 -19.48 10.68 27.19
CA SER A 417 -19.35 9.43 26.48
C SER A 417 -20.22 9.51 25.25
N VAL A 418 -19.60 9.57 24.08
CA VAL A 418 -20.31 9.79 22.82
C VAL A 418 -20.33 8.51 22.01
N VAL A 419 -21.43 8.26 21.32
CA VAL A 419 -21.52 7.22 20.32
C VAL A 419 -21.66 7.90 18.96
N PRO A 420 -20.71 7.70 18.04
CA PRO A 420 -20.72 8.43 16.79
C PRO A 420 -21.56 7.71 15.72
N GLN A 421 -21.78 8.42 14.61
CA GLN A 421 -22.49 7.83 13.49
C GLN A 421 -21.65 6.77 12.81
N ARG A 422 -20.32 6.90 12.84
CA ARG A 422 -19.41 5.96 12.23
C ARG A 422 -18.68 5.19 13.33
N VAL A 423 -19.07 3.95 13.54
CA VAL A 423 -18.44 3.08 14.51
C VAL A 423 -17.22 2.45 13.88
N HIS A 424 -16.17 2.24 14.66
CA HIS A 424 -14.92 1.70 14.16
C HIS A 424 -14.56 0.41 14.89
N LEU A 425 -14.14 -0.59 14.11
CA LEU A 425 -13.57 -1.82 14.65
C LEU A 425 -12.05 -1.73 14.57
N PHE A 426 -11.37 -2.02 15.67
CA PHE A 426 -9.92 -1.92 15.69
C PHE A 426 -9.21 -3.21 15.36
N SER A 427 -9.83 -4.08 14.55
CA SER A 427 -9.14 -5.25 14.02
C SER A 427 -8.42 -6.01 15.12
N ALA A 428 -9.01 -6.06 16.31
CA ALA A 428 -8.43 -6.76 17.43
C ALA A 428 -9.47 -7.67 18.05
N THR A 429 -9.17 -8.27 19.20
CA THR A 429 -10.12 -9.14 19.86
C THR A 429 -11.36 -8.34 20.26
N LEU A 430 -12.51 -9.00 20.21
CA LEU A 430 -13.75 -8.35 20.63
C LEU A 430 -13.64 -7.86 22.07
N ARG A 431 -12.82 -8.52 22.89
CA ARG A 431 -12.56 -8.03 24.23
C ARG A 431 -11.92 -6.65 24.20
N ASP A 432 -11.00 -6.43 23.26
CA ASP A 432 -10.26 -5.17 23.22
C ASP A 432 -10.94 -4.10 22.39
N ASN A 433 -12.04 -4.42 21.71
CA ASN A 433 -12.91 -3.38 21.19
C ASN A 433 -13.88 -2.88 22.24
N LEU A 434 -13.87 -3.45 23.43
CA LEU A 434 -14.65 -2.97 24.55
C LEU A 434 -13.81 -2.58 25.76
N LEU A 435 -12.63 -3.16 25.93
CA LEU A 435 -11.67 -2.61 26.87
C LEU A 435 -11.22 -1.21 26.46
N LEU A 436 -11.50 -0.82 25.22
CA LEU A 436 -11.28 0.54 24.77
C LEU A 436 -11.95 1.55 25.69
N ALA A 437 -13.25 1.35 25.95
CA ALA A 437 -14.02 2.32 26.71
C ALA A 437 -13.58 2.35 28.17
N SER A 438 -13.48 1.18 28.79
CA SER A 438 -13.05 1.07 30.18
C SER A 438 -11.71 0.35 30.25
N PRO A 439 -10.61 1.05 30.50
CA PRO A 439 -9.30 0.38 30.50
C PRO A 439 -9.21 -0.75 31.52
N GLY A 440 -9.83 -0.58 32.67
CA GLY A 440 -9.82 -1.64 33.67
C GLY A 440 -11.21 -2.18 33.92
N SER A 441 -11.47 -3.40 33.46
CA SER A 441 -12.77 -4.02 33.61
C SER A 441 -12.61 -5.52 33.62
N SER A 442 -13.31 -6.19 34.54
CA SER A 442 -13.30 -7.64 34.58
C SER A 442 -13.87 -8.21 33.30
N ASP A 443 -13.24 -9.28 32.81
CA ASP A 443 -13.63 -9.86 31.52
C ASP A 443 -15.06 -10.37 31.54
N GLU A 444 -15.61 -10.66 32.73
CA GLU A 444 -17.02 -11.01 32.82
C GLU A 444 -17.93 -9.79 32.70
N ALA A 445 -17.47 -8.64 33.19
CA ALA A 445 -18.27 -7.42 33.09
C ALA A 445 -18.59 -7.09 31.64
N LEU A 446 -17.67 -7.38 30.72
CA LEU A 446 -17.97 -7.26 29.30
C LEU A 446 -19.11 -8.19 28.91
N SER A 447 -18.92 -9.50 29.11
CA SER A 447 -19.84 -10.49 28.57
C SER A 447 -21.27 -10.27 29.04
N GLU A 448 -21.45 -9.76 30.26
CA GLU A 448 -22.80 -9.43 30.70
C GLU A 448 -23.36 -8.25 29.91
N ILE A 449 -22.52 -7.27 29.57
CA ILE A 449 -22.98 -6.16 28.74
C ILE A 449 -23.43 -6.65 27.37
N LEU A 450 -22.68 -7.58 26.78
CA LEU A 450 -22.99 -8.03 25.43
C LEU A 450 -24.42 -8.59 25.36
N ARG A 451 -24.77 -9.48 26.29
CA ARG A 451 -26.15 -9.94 26.35
C ARG A 451 -27.07 -8.82 26.84
N ARG A 452 -26.55 -7.93 27.69
CA ARG A 452 -27.35 -6.85 28.24
C ARG A 452 -27.74 -5.85 27.16
N VAL A 453 -26.91 -5.73 26.11
CA VAL A 453 -27.23 -4.90 24.96
C VAL A 453 -27.94 -5.70 23.87
N GLY A 454 -27.79 -7.02 23.86
CA GLY A 454 -28.35 -7.85 22.82
C GLY A 454 -27.34 -8.42 21.86
N LEU A 455 -26.13 -8.73 22.33
CA LEU A 455 -25.06 -9.20 21.47
C LEU A 455 -24.66 -10.64 21.77
N GLU A 456 -25.61 -11.47 22.22
CA GLU A 456 -25.28 -12.86 22.54
C GLU A 456 -24.75 -13.62 21.34
N LYS A 457 -25.05 -13.16 20.12
CA LYS A 457 -24.57 -13.86 18.94
C LYS A 457 -23.04 -13.87 18.90
N LEU A 458 -22.44 -12.72 19.25
CA LEU A 458 -20.95 -12.62 19.22
C LEU A 458 -20.32 -13.53 20.27
N LEU A 459 -21.10 -13.94 21.28
CA LEU A 459 -20.57 -14.82 22.35
C LEU A 459 -20.81 -16.29 22.00
N GLU A 460 -21.54 -16.56 20.91
CA GLU A 460 -21.85 -17.96 20.52
C GLU A 460 -20.58 -18.74 20.20
N ASP A 461 -19.65 -18.15 19.43
CA ASP A 461 -18.40 -18.86 19.05
C ASP A 461 -17.18 -18.02 19.43
N ALA A 462 -16.25 -18.59 20.20
CA ALA A 462 -15.00 -17.89 20.57
C ALA A 462 -15.31 -16.50 21.14
N GLY A 463 -16.25 -16.40 22.09
CA GLY A 463 -16.61 -15.09 22.64
C GLY A 463 -15.42 -14.42 23.32
N LEU A 464 -15.20 -13.15 22.97
CA LEU A 464 -14.14 -12.21 23.46
C LEU A 464 -12.76 -12.50 22.86
N ASN A 465 -12.65 -13.47 21.94
CA ASN A 465 -11.35 -13.81 21.30
C ASN A 465 -11.50 -13.77 19.78
N SER A 466 -12.70 -13.47 19.29
CA SER A 466 -12.98 -13.44 17.82
C SER A 466 -12.28 -12.25 17.16
N TRP A 467 -11.91 -12.39 15.88
CA TRP A 467 -11.22 -11.30 15.14
C TRP A 467 -12.27 -10.47 14.37
N LEU A 468 -12.13 -9.15 14.42
CA LEU A 468 -13.08 -8.24 13.81
C LEU A 468 -12.34 -7.31 12.85
N GLY A 469 -13.10 -6.48 12.14
CA GLY A 469 -12.52 -5.46 11.30
C GLY A 469 -12.01 -5.93 9.95
N GLU A 470 -10.71 -5.77 9.70
CA GLU A 470 -10.13 -6.22 8.44
C GLU A 470 -9.74 -7.69 8.49
N GLY A 471 -9.45 -8.23 9.67
CA GLY A 471 -9.08 -9.62 9.78
C GLY A 471 -10.25 -10.57 9.57
N GLY A 472 -11.44 -10.02 9.35
CA GLY A 472 -12.62 -10.84 9.12
C GLY A 472 -13.74 -10.53 10.09
N ARG A 473 -14.93 -11.04 9.78
CA ARG A 473 -16.12 -10.90 10.64
C ARG A 473 -16.52 -9.43 10.80
N GLN A 474 -16.72 -8.78 9.66
CA GLN A 474 -17.26 -7.43 9.66
C GLN A 474 -18.70 -7.44 10.16
N LEU A 475 -19.01 -6.49 11.04
CA LEU A 475 -20.32 -6.46 11.66
C LEU A 475 -21.33 -5.69 10.82
N SER A 476 -22.58 -6.13 10.86
CA SER A 476 -23.64 -5.49 10.09
C SER A 476 -24.09 -4.22 10.78
N GLY A 477 -24.87 -3.42 10.04
CA GLY A 477 -25.23 -2.09 10.52
C GLY A 477 -25.95 -2.12 11.86
N GLY A 478 -26.96 -2.98 11.98
CA GLY A 478 -27.62 -3.13 13.27
C GLY A 478 -26.72 -3.78 14.31
N GLU A 479 -25.92 -4.75 13.89
CA GLU A 479 -24.96 -5.37 14.79
C GLU A 479 -23.93 -4.35 15.27
N LEU A 480 -23.64 -3.35 14.44
CA LEU A 480 -22.56 -2.42 14.71
C LEU A 480 -23.00 -1.29 15.62
N ARG A 481 -24.19 -0.72 15.38
CA ARG A 481 -24.71 0.34 16.24
C ARG A 481 -24.83 -0.13 17.68
N ARG A 482 -25.15 -1.40 17.88
CA ARG A 482 -25.23 -1.94 19.23
C ARG A 482 -23.86 -1.99 19.90
N LEU A 483 -22.79 -2.13 19.11
CA LEU A 483 -21.45 -2.18 19.69
C LEU A 483 -21.03 -0.80 20.21
N ALA A 484 -21.36 0.26 19.47
CA ALA A 484 -21.01 1.60 19.92
C ALA A 484 -21.71 1.93 21.22
N ILE A 485 -22.99 1.56 21.35
CA ILE A 485 -23.71 1.75 22.60
C ILE A 485 -23.07 0.94 23.71
N ALA A 486 -22.60 -0.26 23.38
CA ALA A 486 -21.94 -1.08 24.38
C ALA A 486 -20.70 -0.39 24.95
N ARG A 487 -19.93 0.27 24.09
CA ARG A 487 -18.74 1.00 24.57
C ARG A 487 -19.14 2.10 25.54
N ALA A 488 -20.15 2.91 25.18
CA ALA A 488 -20.53 4.03 26.02
C ALA A 488 -20.98 3.59 27.40
N LEU A 489 -21.64 2.43 27.49
CA LEU A 489 -22.10 1.94 28.78
C LEU A 489 -20.94 1.62 29.71
N LEU A 490 -19.88 1.00 29.18
CA LEU A 490 -18.69 0.75 30.00
C LEU A 490 -18.02 2.05 30.41
N HIS A 491 -17.93 3.01 29.48
CA HIS A 491 -17.28 4.29 29.76
C HIS A 491 -18.30 5.22 30.41
N ASP A 492 -18.59 4.90 31.68
CA ASP A 492 -19.65 5.60 32.40
C ASP A 492 -19.34 7.08 32.53
N ALA A 493 -20.10 7.90 31.81
CA ALA A 493 -19.94 9.34 31.86
C ALA A 493 -21.30 9.95 32.15
N PRO A 494 -21.35 11.01 32.96
CA PRO A 494 -22.65 11.63 33.26
C PRO A 494 -23.40 12.11 32.03
N LEU A 495 -22.71 12.66 31.05
CA LEU A 495 -23.33 13.18 29.84
C LEU A 495 -23.03 12.24 28.68
N VAL A 496 -24.07 11.86 27.94
CA VAL A 496 -23.94 10.94 26.82
C VAL A 496 -24.46 11.62 25.57
N LEU A 497 -23.64 11.69 24.55
CA LEU A 497 -24.03 12.25 23.26
C LEU A 497 -24.24 11.13 22.27
N LEU A 498 -25.31 11.22 21.48
CA LEU A 498 -25.59 10.23 20.40
C LEU A 498 -25.67 11.02 19.09
N ASP A 499 -24.70 10.86 18.19
CA ASP A 499 -24.69 11.69 16.96
C ASP A 499 -25.95 11.43 16.12
N GLN A 500 -26.23 10.18 15.77
CA GLN A 500 -27.42 9.86 14.94
C GLN A 500 -27.73 8.36 15.06
N PRO A 501 -28.26 7.87 16.20
CA PRO A 501 -28.58 6.46 16.36
C PRO A 501 -29.82 6.07 15.53
N THR A 502 -29.92 4.78 15.21
CA THR A 502 -31.04 4.22 14.39
C THR A 502 -31.11 4.89 13.01
N GLU A 503 -29.94 5.16 12.41
CA GLU A 503 -29.85 5.74 11.05
C GLU A 503 -29.47 4.59 10.12
N GLY A 504 -30.22 4.37 9.03
CA GLY A 504 -29.91 3.22 8.20
C GLY A 504 -30.27 1.90 8.82
N LEU A 505 -31.06 1.91 9.88
CA LEU A 505 -31.50 0.70 10.58
C LEU A 505 -32.99 0.51 10.37
N ASP A 506 -33.41 -0.75 10.35
CA ASP A 506 -34.80 -1.09 10.09
C ASP A 506 -35.66 -0.98 11.34
N ALA A 507 -36.98 -1.03 11.13
CA ALA A 507 -37.92 -0.74 12.21
C ALA A 507 -37.77 -1.73 13.37
N THR A 508 -37.51 -3.00 13.05
CA THR A 508 -37.35 -3.99 14.12
C THR A 508 -36.15 -3.67 15.00
N THR A 509 -35.02 -3.28 14.39
CA THR A 509 -33.87 -2.89 15.17
C THR A 509 -34.03 -1.49 15.77
N GLU A 510 -34.70 -0.59 15.04
CA GLU A 510 -34.86 0.77 15.53
C GLU A 510 -35.61 0.80 16.85
N SER A 511 -36.70 0.03 16.96
CA SER A 511 -37.40 -0.08 18.22
C SER A 511 -36.59 -0.83 19.27
N GLN A 512 -35.63 -1.64 18.81
CA GLN A 512 -34.77 -2.43 19.72
C GLN A 512 -33.79 -1.50 20.43
N ILE A 513 -33.19 -0.57 19.68
CA ILE A 513 -32.19 0.35 20.23
C ILE A 513 -32.86 1.40 21.10
N LEU A 514 -33.97 1.98 20.62
CA LEU A 514 -34.58 3.10 21.31
C LEU A 514 -35.03 2.71 22.72
N GLU A 515 -35.61 1.53 22.88
CA GLU A 515 -35.92 1.07 24.23
C GLU A 515 -34.63 0.85 25.02
N LEU A 516 -33.61 0.27 24.37
CA LEU A 516 -32.33 0.05 25.04
C LEU A 516 -31.72 1.37 25.51
N LEU A 517 -32.02 2.46 24.81
CA LEU A 517 -31.58 3.77 25.23
C LEU A 517 -32.32 4.27 26.47
N ALA A 518 -33.52 3.74 26.74
CA ALA A 518 -34.43 4.40 27.66
C ALA A 518 -34.14 4.03 29.11
N GLU A 519 -34.26 2.75 29.45
CA GLU A 519 -33.98 2.36 30.82
C GLU A 519 -32.49 2.44 31.11
N MET A 520 -31.63 2.16 30.11
CA MET A 520 -30.18 1.92 30.34
C MET A 520 -29.49 3.20 30.77
N MET A 521 -29.95 4.30 30.21
CA MET A 521 -29.34 5.59 30.47
C MET A 521 -30.30 6.53 31.20
N ARG A 522 -31.16 5.94 32.04
CA ARG A 522 -32.19 6.69 32.79
C ARG A 522 -31.55 7.78 33.66
N GLU A 523 -30.49 7.43 34.39
CA GLU A 523 -29.83 8.36 35.31
C GLU A 523 -28.86 9.26 34.59
N LYS A 524 -28.46 8.90 33.37
CA LYS A 524 -27.39 9.56 32.66
C LYS A 524 -27.97 10.46 31.58
N THR A 525 -27.78 11.76 31.73
CA THR A 525 -28.36 12.72 30.78
C THR A 525 -27.81 12.48 29.38
N VAL A 526 -28.69 12.50 28.39
CA VAL A 526 -28.29 12.30 27.01
C VAL A 526 -28.72 13.50 26.19
N LEU A 527 -28.09 13.64 25.03
CA LEU A 527 -28.40 14.68 24.06
C LEU A 527 -28.35 14.01 22.69
N MET A 528 -29.48 13.50 22.23
CA MET A 528 -29.54 12.69 21.03
C MET A 528 -29.90 13.56 19.83
N VAL A 529 -29.09 13.50 18.79
CA VAL A 529 -29.31 14.22 17.55
C VAL A 529 -29.85 13.22 16.54
N THR A 530 -30.96 13.55 15.89
CA THR A 530 -31.57 12.63 14.95
C THR A 530 -32.52 13.40 14.04
N HIS A 531 -32.92 12.77 12.94
CA HIS A 531 -33.96 13.30 12.08
C HIS A 531 -35.10 12.30 11.91
N ARG A 532 -35.33 11.45 12.91
CA ARG A 532 -36.34 10.43 12.84
C ARG A 532 -37.27 10.56 14.04
N LEU A 533 -38.57 10.56 13.77
CA LEU A 533 -39.60 10.83 14.78
C LEU A 533 -40.08 9.55 15.43
N ARG A 534 -39.17 8.71 15.91
CA ARG A 534 -39.51 7.39 16.42
C ARG A 534 -39.19 7.31 17.90
N GLY A 535 -40.17 6.88 18.69
CA GLY A 535 -39.94 6.64 20.11
C GLY A 535 -39.52 7.86 20.89
N LEU A 536 -39.98 9.04 20.49
CA LEU A 536 -39.62 10.27 21.18
C LEU A 536 -40.53 10.58 22.35
N SER A 537 -41.56 9.75 22.59
CA SER A 537 -42.42 9.97 23.74
C SER A 537 -41.65 9.80 25.04
N ARG A 538 -40.76 8.80 25.10
CA ARG A 538 -39.95 8.60 26.28
C ARG A 538 -38.99 9.75 26.54
N PHE A 539 -38.69 10.53 25.51
CA PHE A 539 -37.86 11.71 25.70
C PHE A 539 -38.69 12.86 26.25
N GLN A 540 -38.00 13.89 26.72
CA GLN A 540 -38.62 15.13 27.13
C GLN A 540 -37.84 16.29 26.53
N GLN A 541 -38.51 17.44 26.43
CA GLN A 541 -37.87 18.67 26.02
C GLN A 541 -37.26 18.49 24.62
N ILE A 542 -38.13 18.19 23.65
CA ILE A 542 -37.69 17.90 22.30
C ILE A 542 -37.30 19.19 21.60
N ILE A 543 -36.10 19.22 21.03
CA ILE A 543 -35.60 20.38 20.30
C ILE A 543 -35.79 20.11 18.82
N VAL A 544 -36.83 20.66 18.23
CA VAL A 544 -37.05 20.57 16.79
C VAL A 544 -36.57 21.87 16.16
N MET A 545 -35.70 21.76 15.17
CA MET A 545 -35.10 22.94 14.57
C MET A 545 -34.74 22.67 13.12
N ASP A 546 -34.88 23.71 12.30
CA ASP A 546 -34.51 23.67 10.89
C ASP A 546 -33.68 24.90 10.58
N ASN A 547 -33.02 24.86 9.43
CA ASN A 547 -32.19 25.93 8.88
C ASN A 547 -31.40 26.70 9.93
N GLY A 548 -30.86 25.98 10.92
CA GLY A 548 -29.96 26.56 11.89
C GLY A 548 -30.61 27.30 13.04
N GLN A 549 -31.94 27.39 13.07
CA GLN A 549 -32.62 28.16 14.09
C GLN A 549 -33.67 27.30 14.78
N ILE A 550 -33.89 27.57 16.07
CA ILE A 550 -34.95 26.90 16.81
C ILE A 550 -36.28 27.49 16.41
N ILE A 551 -37.22 26.64 16.03
CA ILE A 551 -38.57 27.12 15.72
C ILE A 551 -39.50 26.94 16.91
N GLU A 552 -39.54 25.75 17.51
CA GLU A 552 -40.27 25.56 18.75
C GLU A 552 -39.52 24.57 19.64
N GLN A 553 -40.13 24.24 20.76
CA GLN A 553 -39.43 23.56 21.85
C GLN A 553 -40.44 23.08 22.88
N GLY A 554 -40.22 21.87 23.39
CA GLY A 554 -41.06 21.37 24.47
C GLY A 554 -41.12 19.86 24.45
N THR A 555 -41.96 19.35 25.35
CA THR A 555 -42.18 17.92 25.46
C THR A 555 -43.07 17.42 24.32
N HIS A 556 -42.89 16.15 23.95
CA HIS A 556 -43.63 15.59 22.83
C HIS A 556 -45.14 15.77 23.01
N ALA A 557 -45.63 15.60 24.24
CA ALA A 557 -47.04 15.85 24.50
C ALA A 557 -47.38 17.31 24.26
N GLU A 558 -46.49 18.23 24.65
CA GLU A 558 -46.74 19.65 24.46
C GLU A 558 -46.78 20.02 22.98
N LEU A 559 -45.90 19.42 22.17
CA LEU A 559 -45.84 19.77 20.76
C LEU A 559 -47.14 19.45 20.04
N LEU A 560 -47.72 18.29 20.31
CA LEU A 560 -48.93 17.89 19.61
C LEU A 560 -50.08 18.87 19.88
N ALA A 561 -50.23 19.30 21.12
CA ALA A 561 -51.22 20.32 21.43
C ALA A 561 -50.83 21.66 20.83
N ARG A 562 -49.52 21.94 20.70
CA ARG A 562 -49.08 23.21 20.14
C ARG A 562 -49.42 23.32 18.67
N GLN A 563 -49.56 22.19 17.97
CA GLN A 563 -49.91 22.17 16.55
C GLN A 563 -48.91 22.98 15.72
N GLY A 564 -47.63 22.83 16.01
CA GLY A 564 -46.58 23.56 15.33
C GLY A 564 -45.97 22.78 14.20
N ARG A 565 -44.70 23.06 13.93
CA ARG A 565 -43.99 22.36 12.85
C ARG A 565 -43.82 20.88 13.17
N TYR A 566 -43.67 20.53 14.45
CA TYR A 566 -43.53 19.13 14.81
C TYR A 566 -44.79 18.35 14.47
N TYR A 567 -45.97 18.95 14.69
CA TYR A 567 -47.21 18.28 14.32
C TYR A 567 -47.25 18.03 12.82
N GLN A 568 -46.84 19.01 12.02
CA GLN A 568 -46.76 18.80 10.57
C GLN A 568 -45.82 17.65 10.24
N PHE A 569 -44.73 17.51 11.02
CA PHE A 569 -43.80 16.43 10.79
C PHE A 569 -44.42 15.07 11.10
N LYS A 570 -45.41 15.07 12.01
CA LYS A 570 -46.09 13.83 12.45
C LYS A 570 -47.12 13.34 11.42
N GLN A 571 -47.96 14.24 10.90
CA GLN A 571 -49.02 13.82 9.96
C GLN A 571 -48.66 14.17 8.50
N GLY A 572 -48.65 13.15 7.63
CA GLY A 572 -48.32 13.33 6.20
C GLY A 572 -46.92 13.88 5.99
N LEU A 573 -46.81 14.92 5.16
CA LEU A 573 -45.49 15.55 4.86
C LEU A 573 -45.44 16.96 5.48
N LYS B 3 3.91 -29.29 -0.05
CA LYS B 3 5.32 -29.04 0.25
C LYS B 3 5.46 -27.85 1.20
N SER B 4 5.71 -26.67 0.64
CA SER B 4 5.89 -25.45 1.41
C SER B 4 5.28 -24.30 0.65
N ARG B 5 4.69 -23.33 1.36
CA ARG B 5 4.09 -22.18 0.65
C ARG B 5 5.22 -21.39 -0.02
N GLN B 6 6.43 -21.48 0.56
CA GLN B 6 7.64 -20.80 0.03
C GLN B 6 8.04 -21.34 -1.34
N LYS B 7 7.99 -22.68 -1.52
CA LYS B 7 8.44 -23.32 -2.78
C LYS B 7 7.33 -23.37 -3.83
N GLU B 8 6.07 -23.34 -3.41
CA GLU B 8 4.97 -23.39 -4.36
C GLU B 8 4.69 -22.04 -4.99
N LEU B 9 5.27 -20.97 -4.45
CA LEU B 9 5.24 -19.65 -5.08
C LEU B 9 6.43 -19.46 -6.00
N THR B 10 7.63 -19.84 -5.54
CA THR B 10 8.79 -19.84 -6.41
C THR B 10 8.55 -20.70 -7.64
N ARG B 11 7.81 -21.79 -7.51
CA ARG B 11 7.41 -22.56 -8.68
C ARG B 11 6.49 -21.74 -9.56
N TRP B 12 5.56 -20.98 -8.97
CA TRP B 12 4.71 -20.11 -9.76
C TRP B 12 5.51 -18.99 -10.41
N LEU B 13 6.48 -18.43 -9.67
CA LEU B 13 7.28 -17.34 -10.23
C LEU B 13 8.18 -17.82 -11.37
N LYS B 14 8.62 -19.08 -11.32
CA LYS B 14 9.37 -19.63 -12.44
C LYS B 14 8.49 -19.95 -13.63
N GLN B 15 7.19 -20.19 -13.41
CA GLN B 15 6.30 -20.50 -14.51
C GLN B 15 5.93 -19.27 -15.31
N GLN B 16 5.93 -18.10 -14.67
CA GLN B 16 5.62 -16.86 -15.39
C GLN B 16 6.80 -16.35 -16.21
N SER B 17 8.02 -16.81 -15.91
CA SER B 17 9.18 -16.30 -16.63
C SER B 17 9.24 -16.79 -18.07
N VAL B 18 8.41 -17.77 -18.44
CA VAL B 18 8.42 -18.28 -19.81
C VAL B 18 7.97 -17.21 -20.80
N ILE B 19 7.17 -16.27 -20.32
CA ILE B 19 6.65 -15.17 -21.19
C ILE B 19 7.84 -14.50 -21.90
N SER B 20 8.95 -14.36 -21.18
CA SER B 20 10.17 -13.76 -21.76
C SER B 20 11.37 -14.66 -21.47
N GLN B 21 11.41 -15.84 -22.09
CA GLN B 21 12.52 -16.81 -21.91
C GLN B 21 13.65 -16.47 -22.89
N ARG B 22 13.38 -15.57 -23.84
CA ARG B 22 14.42 -15.15 -24.82
C ARG B 22 15.34 -14.15 -24.13
N TRP B 23 14.76 -13.11 -23.53
CA TRP B 23 15.52 -12.11 -22.80
C TRP B 23 16.29 -12.71 -21.63
N LEU B 24 15.74 -13.75 -21.01
CA LEU B 24 16.46 -14.41 -19.93
C LEU B 24 17.52 -15.36 -20.44
N ASN B 25 17.61 -15.58 -21.75
CA ASN B 25 18.68 -16.36 -22.33
C ASN B 25 19.83 -15.51 -22.85
N ILE B 26 19.55 -14.32 -23.38
CA ILE B 26 20.61 -13.37 -23.63
C ILE B 26 21.24 -12.93 -22.33
N SER B 27 20.44 -12.78 -21.28
CA SER B 27 20.96 -12.41 -19.97
C SER B 27 21.78 -13.53 -19.36
N ARG B 28 21.45 -14.78 -19.65
CA ARG B 28 22.28 -15.89 -19.21
C ARG B 28 23.54 -16.02 -20.05
N LEU B 29 23.42 -15.75 -21.35
CA LEU B 29 24.58 -15.82 -22.24
C LEU B 29 25.57 -14.72 -21.91
N LEU B 30 25.09 -13.48 -21.80
CA LEU B 30 25.97 -12.37 -21.44
C LEU B 30 26.58 -12.55 -20.06
N GLY B 31 25.95 -13.34 -19.19
CA GLY B 31 26.59 -13.71 -17.95
C GLY B 31 27.67 -14.75 -18.12
N PHE B 32 27.75 -15.36 -19.29
CA PHE B 32 28.83 -16.28 -19.60
C PHE B 32 29.94 -15.59 -20.38
N VAL B 33 29.60 -14.60 -21.20
CA VAL B 33 30.63 -13.74 -21.78
C VAL B 33 31.32 -12.94 -20.70
N SER B 34 30.55 -12.40 -19.76
CA SER B 34 31.13 -11.62 -18.67
C SER B 34 32.01 -12.49 -17.78
N GLY B 35 31.76 -13.79 -17.74
CA GLY B 35 32.62 -14.67 -16.99
C GLY B 35 33.94 -14.92 -17.70
N ILE B 36 33.96 -14.75 -19.01
CA ILE B 36 35.20 -14.88 -19.76
C ILE B 36 36.01 -13.59 -19.69
N LEU B 37 35.35 -12.45 -19.88
CA LEU B 37 36.05 -11.18 -19.83
C LEU B 37 36.68 -10.93 -18.48
N ILE B 38 36.14 -11.52 -17.42
CA ILE B 38 36.79 -11.45 -16.11
C ILE B 38 38.12 -12.19 -16.15
N ILE B 39 38.14 -13.37 -16.78
CA ILE B 39 39.35 -14.17 -16.83
C ILE B 39 40.40 -13.50 -17.71
N ALA B 40 39.98 -12.97 -18.86
CA ALA B 40 40.92 -12.22 -19.69
C ALA B 40 41.41 -10.98 -18.96
N GLN B 41 40.56 -10.36 -18.14
CA GLN B 41 40.99 -9.26 -17.30
C GLN B 41 42.08 -9.70 -16.33
N ALA B 42 41.88 -10.84 -15.66
CA ALA B 42 42.82 -11.31 -14.67
C ALA B 42 44.10 -11.85 -15.28
N TRP B 43 44.00 -12.52 -16.42
CA TRP B 43 45.21 -13.06 -17.05
C TRP B 43 46.15 -11.95 -17.48
N PHE B 44 45.63 -10.88 -18.06
CA PHE B 44 46.48 -9.77 -18.45
C PHE B 44 47.09 -9.09 -17.23
N MET B 45 46.29 -8.89 -16.19
CA MET B 45 46.79 -8.20 -15.00
C MET B 45 47.86 -9.02 -14.31
N ALA B 46 47.71 -10.35 -14.30
CA ALA B 46 48.75 -11.20 -13.74
C ALA B 46 50.00 -11.19 -14.61
N ARG B 47 49.84 -11.19 -15.92
CA ARG B 47 50.99 -11.15 -16.82
C ARG B 47 51.64 -9.78 -16.82
N ILE B 48 50.86 -8.71 -16.66
CA ILE B 48 51.45 -7.38 -16.48
C ILE B 48 52.22 -7.33 -15.17
N LEU B 49 51.61 -7.78 -14.08
CA LEU B 49 52.25 -7.68 -12.78
C LEU B 49 53.51 -8.53 -12.70
N GLN B 50 53.51 -9.72 -13.30
CA GLN B 50 54.70 -10.56 -13.24
C GLN B 50 55.86 -9.90 -13.96
N HIS B 51 55.61 -9.27 -15.11
CA HIS B 51 56.69 -8.66 -15.88
C HIS B 51 57.35 -7.52 -15.11
N MET B 52 56.56 -6.71 -14.41
CA MET B 52 57.10 -5.53 -13.74
C MET B 52 57.55 -5.81 -12.32
N ILE B 53 57.33 -7.01 -11.80
CA ILE B 53 57.72 -7.38 -10.46
C ILE B 53 58.93 -8.32 -10.48
N MET B 54 58.84 -9.40 -11.27
CA MET B 54 59.96 -10.33 -11.35
C MET B 54 61.02 -9.85 -12.34
N GLU B 55 60.65 -9.71 -13.61
CA GLU B 55 61.62 -9.34 -14.64
C GLU B 55 61.98 -7.87 -14.62
N ASN B 56 61.27 -7.04 -13.83
CA ASN B 56 61.55 -5.61 -13.73
C ASN B 56 61.49 -4.92 -15.08
N ILE B 57 60.62 -5.38 -15.96
CA ILE B 57 60.43 -4.73 -17.26
C ILE B 57 59.80 -3.36 -17.04
N PRO B 58 60.29 -2.30 -17.68
CA PRO B 58 59.67 -0.99 -17.51
C PRO B 58 58.27 -0.95 -18.10
N ARG B 59 57.47 -0.01 -17.60
CA ARG B 59 56.09 0.08 -18.04
C ARG B 59 55.98 0.39 -19.53
N GLU B 60 56.90 1.22 -20.04
CA GLU B 60 56.82 1.63 -21.44
C GLU B 60 56.93 0.45 -22.39
N ALA B 61 57.68 -0.59 -21.99
CA ALA B 61 57.74 -1.79 -22.81
C ALA B 61 56.43 -2.56 -22.78
N LEU B 62 55.72 -2.52 -21.66
CA LEU B 62 54.44 -3.20 -21.50
C LEU B 62 53.33 -2.27 -21.97
N LEU B 63 53.04 -2.32 -23.26
CA LEU B 63 51.91 -1.59 -23.80
C LEU B 63 50.92 -2.48 -24.53
N LEU B 64 51.39 -3.56 -25.15
CA LEU B 64 50.46 -4.54 -25.69
C LEU B 64 49.57 -5.15 -24.63
N PRO B 65 50.06 -5.56 -23.45
CA PRO B 65 49.12 -6.01 -22.41
C PRO B 65 48.27 -4.88 -21.85
N PHE B 66 48.85 -3.70 -21.62
CA PHE B 66 48.06 -2.59 -21.09
C PHE B 66 46.94 -2.21 -22.05
N THR B 67 47.23 -2.15 -23.35
CA THR B 67 46.18 -1.82 -24.32
C THR B 67 45.11 -2.90 -24.34
N LEU B 68 45.51 -4.16 -24.25
CA LEU B 68 44.53 -5.24 -24.19
C LEU B 68 43.82 -5.27 -22.83
N LEU B 69 44.48 -4.80 -21.78
CA LEU B 69 43.81 -4.74 -20.48
C LEU B 69 42.74 -3.66 -20.47
N VAL B 70 43.03 -2.48 -21.03
CA VAL B 70 42.03 -1.43 -21.14
C VAL B 70 40.89 -1.88 -22.05
N LEU B 71 41.22 -2.63 -23.10
CA LEU B 71 40.18 -3.14 -24.00
C LEU B 71 39.24 -4.08 -23.27
N THR B 72 39.79 -4.94 -22.39
CA THR B 72 38.95 -5.87 -21.66
C THR B 72 38.06 -5.15 -20.65
N PHE B 73 38.59 -4.12 -20.00
CA PHE B 73 37.78 -3.37 -19.05
C PHE B 73 36.61 -2.67 -19.74
N VAL B 74 36.85 -2.14 -20.94
CA VAL B 74 35.77 -1.52 -21.70
C VAL B 74 34.72 -2.56 -22.08
N LEU B 75 35.17 -3.75 -22.49
CA LEU B 75 34.23 -4.79 -22.87
C LEU B 75 33.36 -5.23 -21.71
N ARG B 76 33.95 -5.34 -20.51
CA ARG B 76 33.16 -5.70 -19.35
C ARG B 76 32.10 -4.65 -19.05
N ALA B 77 32.46 -3.37 -19.17
CA ALA B 77 31.49 -2.31 -18.96
C ALA B 77 30.42 -2.31 -20.04
N TRP B 78 30.76 -2.74 -21.24
CA TRP B 78 29.74 -2.87 -22.28
C TRP B 78 28.80 -4.01 -21.98
N VAL B 79 29.33 -5.16 -21.55
CA VAL B 79 28.49 -6.30 -21.24
C VAL B 79 27.64 -6.03 -20.01
N VAL B 80 28.21 -5.36 -19.01
CA VAL B 80 27.43 -4.97 -17.84
C VAL B 80 26.32 -4.00 -18.22
N TRP B 81 26.63 -3.03 -19.09
CA TRP B 81 25.59 -2.16 -19.61
C TRP B 81 24.56 -2.95 -20.41
N LEU B 82 25.02 -3.89 -21.24
CA LEU B 82 24.09 -4.71 -22.01
C LEU B 82 23.26 -5.61 -21.11
N ARG B 83 23.88 -6.22 -20.11
CA ARG B 83 23.21 -7.25 -19.33
C ARG B 83 22.08 -6.68 -18.49
N GLU B 84 22.17 -5.42 -18.06
CA GLU B 84 21.12 -4.82 -17.25
C GLU B 84 20.06 -4.12 -18.06
N ARG B 85 20.23 -4.03 -19.38
CA ARG B 85 19.16 -3.58 -20.25
C ARG B 85 18.39 -4.75 -20.83
N VAL B 86 19.07 -5.86 -21.10
CA VAL B 86 18.39 -7.12 -21.38
C VAL B 86 17.66 -7.61 -20.14
N GLY B 87 18.21 -7.34 -18.96
CA GLY B 87 17.55 -7.76 -17.74
C GLY B 87 16.23 -7.04 -17.52
N TYR B 88 16.16 -5.75 -17.87
CA TYR B 88 14.91 -5.02 -17.70
C TYR B 88 13.83 -5.57 -18.61
N HIS B 89 14.16 -5.83 -19.88
CA HIS B 89 13.16 -6.38 -20.79
C HIS B 89 12.66 -7.72 -20.32
N ALA B 90 13.52 -8.50 -19.66
CA ALA B 90 13.08 -9.78 -19.14
C ALA B 90 11.96 -9.62 -18.12
N GLY B 91 11.97 -8.52 -17.38
CA GLY B 91 11.01 -8.30 -16.32
C GLY B 91 9.81 -7.50 -16.76
N GLN B 92 9.99 -6.61 -17.73
CA GLN B 92 8.86 -5.82 -18.21
C GLN B 92 7.88 -6.69 -18.99
N HIS B 93 8.39 -7.51 -19.90
CA HIS B 93 7.51 -8.32 -20.74
C HIS B 93 6.77 -9.39 -19.94
N ILE B 94 7.16 -9.63 -18.69
CA ILE B 94 6.39 -10.50 -17.80
C ILE B 94 5.36 -9.69 -17.03
N ARG B 95 5.74 -8.52 -16.52
CA ARG B 95 4.78 -7.67 -15.84
C ARG B 95 3.68 -7.22 -16.79
N PHE B 96 4.03 -6.88 -18.03
CA PHE B 96 3.04 -6.44 -18.98
C PHE B 96 2.05 -7.54 -19.33
N ALA B 97 2.48 -8.80 -19.25
CA ALA B 97 1.62 -9.92 -19.59
C ALA B 97 0.93 -10.54 -18.40
N ILE B 98 1.33 -10.20 -17.18
CA ILE B 98 0.56 -10.59 -16.01
C ILE B 98 -0.46 -9.52 -15.65
N ARG B 99 -0.15 -8.26 -15.90
CA ARG B 99 -1.15 -7.21 -15.77
C ARG B 99 -2.27 -7.40 -16.78
N ARG B 100 -1.98 -8.00 -17.93
CA ARG B 100 -3.02 -8.37 -18.87
C ARG B 100 -3.79 -9.60 -18.41
N GLN B 101 -3.13 -10.45 -17.62
CA GLN B 101 -3.79 -11.68 -17.09
C GLN B 101 -4.62 -11.32 -15.85
N VAL B 102 -4.35 -10.16 -15.24
CA VAL B 102 -5.11 -9.74 -14.07
C VAL B 102 -6.30 -8.88 -14.48
N LEU B 103 -6.08 -7.93 -15.38
CA LEU B 103 -7.17 -7.09 -15.84
C LEU B 103 -8.21 -7.91 -16.57
N ASP B 104 -7.78 -8.88 -17.38
CA ASP B 104 -8.72 -9.77 -18.03
C ASP B 104 -9.54 -10.55 -17.02
N ARG B 105 -8.88 -11.17 -16.05
CA ARG B 105 -9.59 -11.93 -15.04
C ARG B 105 -10.54 -11.05 -14.25
N LEU B 106 -10.17 -9.77 -14.12
CA LEU B 106 -11.03 -8.79 -13.41
C LEU B 106 -12.10 -8.29 -14.38
N GLN B 107 -11.74 -8.11 -15.66
CA GLN B 107 -12.74 -7.71 -16.69
C GLN B 107 -13.71 -8.86 -16.98
N GLN B 108 -13.19 -10.09 -17.06
CA GLN B 108 -14.02 -11.29 -17.35
C GLN B 108 -15.02 -11.47 -16.21
N ALA B 109 -14.56 -11.29 -14.97
CA ALA B 109 -15.44 -11.36 -13.78
C ALA B 109 -16.38 -10.16 -13.82
N GLY B 110 -17.59 -10.31 -13.29
CA GLY B 110 -18.57 -9.21 -13.33
C GLY B 110 -18.26 -8.07 -12.36
N PRO B 111 -18.96 -6.92 -12.47
CA PRO B 111 -18.76 -5.79 -11.55
C PRO B 111 -19.05 -6.15 -10.09
N ALA B 112 -19.97 -7.08 -9.83
CA ALA B 112 -20.28 -7.54 -8.46
C ALA B 112 -19.01 -8.13 -7.83
N TRP B 113 -18.22 -8.91 -8.60
CA TRP B 113 -16.95 -9.46 -8.07
C TRP B 113 -16.03 -8.31 -7.67
N ILE B 114 -15.79 -7.36 -8.59
CA ILE B 114 -14.96 -6.20 -8.29
C ILE B 114 -15.43 -5.52 -7.01
N GLN B 115 -16.75 -5.42 -6.81
CA GLN B 115 -17.29 -4.69 -5.67
C GLN B 115 -16.91 -5.33 -4.34
N GLY B 116 -16.44 -6.57 -4.33
CA GLY B 116 -16.11 -7.22 -3.08
C GLY B 116 -15.00 -6.52 -2.33
N LYS B 117 -13.98 -6.09 -3.04
CA LYS B 117 -12.87 -5.40 -2.41
C LYS B 117 -12.86 -3.93 -2.83
N PRO B 118 -12.41 -3.02 -1.96
CA PRO B 118 -12.34 -1.61 -2.35
C PRO B 118 -11.40 -1.42 -3.52
N ALA B 119 -11.77 -0.51 -4.43
CA ALA B 119 -10.98 -0.32 -5.65
C ALA B 119 -9.58 0.18 -5.36
N GLY B 120 -9.32 0.68 -4.15
CA GLY B 120 -7.96 0.99 -3.76
C GLY B 120 -7.16 -0.23 -3.39
N SER B 121 -7.82 -1.37 -3.19
CA SER B 121 -7.13 -2.63 -2.96
C SER B 121 -6.98 -3.45 -4.23
N TRP B 122 -7.74 -3.12 -5.28
CA TRP B 122 -7.51 -3.71 -6.58
C TRP B 122 -6.35 -3.06 -7.30
N ALA B 123 -6.11 -1.78 -7.04
CA ALA B 123 -4.96 -1.08 -7.60
C ALA B 123 -3.68 -1.37 -6.83
N THR B 124 -3.77 -1.98 -5.66
CA THR B 124 -2.58 -2.52 -5.02
C THR B 124 -2.13 -3.79 -5.72
N LEU B 125 -3.06 -4.65 -6.09
CA LEU B 125 -2.71 -5.88 -6.78
C LEU B 125 -2.15 -5.60 -8.17
N VAL B 126 -2.68 -4.59 -8.85
CA VAL B 126 -2.34 -4.37 -10.25
C VAL B 126 -1.10 -3.48 -10.39
N LEU B 127 -0.95 -2.46 -9.56
CA LEU B 127 0.22 -1.59 -9.65
C LEU B 127 1.35 -2.04 -8.74
N GLU B 128 1.10 -2.04 -7.43
CA GLU B 128 2.17 -2.17 -6.47
C GLU B 128 2.58 -3.60 -6.18
N GLN B 129 1.80 -4.58 -6.60
CA GLN B 129 2.15 -5.97 -6.38
C GLN B 129 2.52 -6.70 -7.66
N ILE B 130 2.33 -6.08 -8.82
CA ILE B 130 2.93 -6.61 -10.03
C ILE B 130 4.28 -5.97 -10.29
N ASP B 131 4.43 -4.68 -9.97
CA ASP B 131 5.73 -4.04 -10.08
C ASP B 131 6.75 -4.59 -9.08
N ASP B 132 6.28 -5.22 -8.00
CA ASP B 132 7.21 -5.83 -7.05
C ASP B 132 7.92 -7.04 -7.64
N MET B 133 7.35 -7.65 -8.67
CA MET B 133 7.95 -8.81 -9.29
C MET B 133 8.97 -8.45 -10.36
N HIS B 134 9.23 -7.17 -10.61
CA HIS B 134 10.20 -6.83 -11.63
C HIS B 134 11.61 -7.22 -11.20
N ASP B 135 12.00 -6.84 -9.98
CA ASP B 135 13.36 -7.09 -9.53
C ASP B 135 13.67 -8.57 -9.38
N TYR B 136 12.65 -9.43 -9.32
CA TYR B 136 12.91 -10.86 -9.29
C TYR B 136 13.34 -11.37 -10.66
N TYR B 137 12.69 -10.90 -11.71
CA TYR B 137 13.01 -11.34 -13.07
C TYR B 137 14.10 -10.50 -13.70
N ALA B 138 14.26 -9.26 -13.27
CA ALA B 138 15.29 -8.41 -13.85
C ALA B 138 16.62 -8.53 -13.13
N ARG B 139 16.62 -8.91 -11.87
CA ARG B 139 17.89 -8.98 -11.17
C ARG B 139 18.16 -10.32 -10.50
N TYR B 140 17.16 -10.91 -9.85
CA TYR B 140 17.42 -12.12 -9.09
C TYR B 140 17.52 -13.36 -9.97
N LEU B 141 16.73 -13.43 -11.03
CA LEU B 141 16.80 -14.59 -11.89
C LEU B 141 18.01 -14.54 -12.82
N PRO B 142 18.35 -13.39 -13.42
CA PRO B 142 19.62 -13.32 -14.14
C PRO B 142 20.83 -13.55 -13.26
N GLN B 143 20.79 -13.13 -12.00
CA GLN B 143 21.94 -13.31 -11.12
C GLN B 143 22.06 -14.73 -10.63
N MET B 144 20.95 -15.41 -10.36
CA MET B 144 21.03 -16.79 -9.91
C MET B 144 21.59 -17.69 -11.01
N ALA B 145 21.58 -17.24 -12.26
CA ALA B 145 22.27 -17.95 -13.32
C ALA B 145 23.71 -17.47 -13.48
N LEU B 146 24.02 -16.27 -12.99
CA LEU B 146 25.40 -15.81 -12.95
C LEU B 146 26.19 -16.46 -11.84
N ALA B 147 25.52 -17.07 -10.87
CA ALA B 147 26.20 -17.74 -9.77
C ALA B 147 26.62 -19.15 -10.12
N VAL B 148 26.32 -19.62 -11.32
CA VAL B 148 26.73 -20.94 -11.78
C VAL B 148 27.59 -20.77 -13.02
N SER B 149 27.34 -19.69 -13.77
CA SER B 149 28.10 -19.46 -14.99
C SER B 149 29.54 -19.06 -14.68
N VAL B 150 29.73 -18.13 -13.75
CA VAL B 150 31.07 -17.63 -13.45
C VAL B 150 31.86 -18.60 -12.57
N PRO B 151 31.35 -19.06 -11.42
CA PRO B 151 32.19 -19.93 -10.58
C PRO B 151 32.68 -21.18 -11.30
N LEU B 152 31.84 -21.82 -12.12
CA LEU B 152 32.30 -22.96 -12.88
C LEU B 152 33.35 -22.54 -13.90
N LEU B 153 33.13 -21.40 -14.57
CA LEU B 153 34.05 -20.93 -15.58
C LEU B 153 35.36 -20.42 -15.00
N ILE B 154 35.40 -20.16 -13.69
CA ILE B 154 36.62 -19.66 -13.08
C ILE B 154 37.60 -20.81 -12.84
N VAL B 155 37.14 -21.90 -12.21
CA VAL B 155 38.01 -23.02 -11.93
C VAL B 155 38.48 -23.68 -13.22
N VAL B 156 37.61 -23.72 -14.23
CA VAL B 156 38.00 -24.29 -15.52
C VAL B 156 39.14 -23.50 -16.14
N ALA B 157 39.18 -22.18 -15.93
CA ALA B 157 40.29 -21.39 -16.40
C ALA B 157 41.53 -21.56 -15.53
N ILE B 158 41.35 -21.79 -14.23
CA ILE B 158 42.50 -21.91 -13.34
C ILE B 158 43.09 -23.30 -13.40
N PHE B 159 42.27 -24.32 -13.65
CA PHE B 159 42.75 -25.70 -13.66
C PHE B 159 43.96 -25.94 -14.55
N PRO B 160 44.05 -25.41 -15.77
CA PRO B 160 45.31 -25.56 -16.53
C PRO B 160 46.51 -25.00 -15.80
N SER B 161 46.36 -23.87 -15.12
CA SER B 161 47.50 -23.24 -14.47
C SER B 161 47.93 -23.96 -13.21
N ASN B 162 46.97 -24.43 -12.41
CA ASN B 162 47.29 -25.01 -11.11
C ASN B 162 46.07 -25.79 -10.62
N TRP B 163 46.25 -27.08 -10.35
CA TRP B 163 45.13 -27.89 -9.88
C TRP B 163 44.90 -27.77 -8.38
N ALA B 164 45.81 -27.15 -7.64
CA ALA B 164 45.58 -26.97 -6.21
C ALA B 164 44.77 -25.71 -5.94
N ALA B 165 45.13 -24.61 -6.59
CA ALA B 165 44.34 -23.39 -6.48
C ALA B 165 42.97 -23.54 -7.13
N ALA B 166 42.83 -24.49 -8.06
CA ALA B 166 41.53 -24.79 -8.62
C ALA B 166 40.73 -25.73 -7.73
N LEU B 167 41.36 -26.29 -6.71
CA LEU B 167 40.67 -27.17 -5.78
C LEU B 167 40.34 -26.47 -4.47
N ILE B 168 41.10 -25.44 -4.10
CA ILE B 168 40.73 -24.62 -2.96
C ILE B 168 39.41 -23.91 -3.21
N LEU B 169 39.27 -23.34 -4.41
CA LEU B 169 38.01 -22.72 -4.78
C LEU B 169 36.90 -23.76 -4.92
N LEU B 170 37.09 -24.73 -5.81
CA LEU B 170 36.07 -25.72 -6.09
C LEU B 170 35.75 -26.58 -4.87
N GLY B 171 36.66 -26.70 -3.91
CA GLY B 171 36.37 -27.46 -2.72
C GLY B 171 35.22 -26.88 -1.92
N THR B 172 35.15 -25.55 -1.85
CA THR B 172 34.08 -24.86 -1.15
C THR B 172 32.84 -24.66 -2.01
N ALA B 173 32.89 -25.08 -3.28
CA ALA B 173 31.71 -24.96 -4.13
C ALA B 173 30.51 -25.74 -3.62
N PRO B 174 30.64 -26.99 -3.12
CA PRO B 174 29.44 -27.68 -2.62
C PRO B 174 29.14 -27.36 -1.17
N LEU B 175 30.15 -26.95 -0.40
CA LEU B 175 29.94 -26.74 1.03
C LEU B 175 29.03 -25.57 1.32
N ILE B 176 29.00 -24.57 0.44
CA ILE B 176 28.15 -23.40 0.66
C ILE B 176 26.68 -23.76 0.43
N PRO B 177 26.28 -24.26 -0.74
CA PRO B 177 24.85 -24.56 -0.93
C PRO B 177 24.31 -25.56 0.06
N LEU B 178 25.16 -26.43 0.60
CA LEU B 178 24.70 -27.31 1.67
C LEU B 178 24.39 -26.51 2.93
N PHE B 179 25.31 -25.62 3.32
CA PHE B 179 25.12 -24.85 4.56
C PHE B 179 23.96 -23.86 4.43
N MET B 180 23.79 -23.27 3.26
CA MET B 180 22.65 -22.39 3.06
C MET B 180 21.35 -23.16 2.93
N ALA B 181 21.42 -24.48 2.77
CA ALA B 181 20.23 -25.32 2.73
C ALA B 181 20.14 -26.31 3.87
N LEU B 182 21.23 -26.51 4.64
CA LEU B 182 21.16 -27.41 5.78
C LEU B 182 20.23 -26.86 6.86
N VAL B 183 20.45 -25.61 7.24
CA VAL B 183 19.62 -24.98 8.27
C VAL B 183 19.07 -23.63 7.84
N GLY B 184 19.63 -22.99 6.82
CA GLY B 184 19.10 -21.72 6.37
C GLY B 184 17.72 -21.86 5.75
N MET B 185 17.49 -22.96 5.02
CA MET B 185 16.18 -23.15 4.39
C MET B 185 15.08 -23.32 5.41
N GLY B 186 15.40 -23.85 6.59
CA GLY B 186 14.40 -23.94 7.65
C GLY B 186 13.87 -22.58 8.06
N ALA B 187 14.69 -21.54 7.91
CA ALA B 187 14.29 -20.19 8.30
C ALA B 187 13.92 -19.31 7.12
N ALA B 188 14.29 -19.68 5.89
CA ALA B 188 13.92 -18.88 4.73
C ALA B 188 12.40 -18.80 4.58
N ASP B 189 11.71 -19.93 4.75
CA ASP B 189 10.26 -19.89 4.83
C ASP B 189 9.80 -19.12 6.06
N ALA B 190 10.50 -19.32 7.18
CA ALA B 190 10.20 -18.55 8.39
C ALA B 190 10.49 -17.07 8.21
N ASN B 191 11.30 -16.69 7.22
CA ASN B 191 11.42 -15.29 6.86
C ASN B 191 10.19 -14.80 6.11
N ARG B 192 9.64 -15.63 5.22
CA ARG B 192 8.45 -15.24 4.49
C ARG B 192 7.27 -15.02 5.44
N ARG B 193 7.26 -15.72 6.58
CA ARG B 193 6.21 -15.47 7.56
C ARG B 193 6.43 -14.16 8.29
N ASN B 194 7.69 -13.76 8.48
CA ASN B 194 7.95 -12.46 9.09
C ASN B 194 7.62 -11.32 8.14
N PHE B 195 7.87 -11.51 6.84
CA PHE B 195 7.49 -10.49 5.86
C PHE B 195 5.99 -10.30 5.83
N LEU B 196 5.21 -11.33 6.17
CA LEU B 196 3.77 -11.16 6.29
C LEU B 196 3.40 -10.44 7.58
N ALA B 197 4.13 -10.73 8.68
CA ALA B 197 3.87 -10.05 9.94
C ALA B 197 4.20 -8.57 9.84
N LEU B 198 5.29 -8.23 9.15
CA LEU B 198 5.66 -6.83 8.99
C LEU B 198 4.63 -6.06 8.17
N ALA B 199 4.03 -6.71 7.17
CA ALA B 199 2.95 -6.08 6.43
C ALA B 199 1.69 -6.00 7.27
N ARG B 200 1.40 -7.04 8.04
CA ARG B 200 0.24 -7.02 8.93
C ARG B 200 0.46 -6.07 10.10
N LEU B 201 1.71 -5.85 10.50
CA LEU B 201 1.98 -4.86 11.53
C LEU B 201 1.75 -3.44 11.01
N SER B 202 2.00 -3.21 9.73
CA SER B 202 1.70 -1.91 9.12
C SER B 202 0.24 -1.73 8.79
N GLY B 203 -0.57 -2.77 8.96
CA GLY B 203 -2.01 -2.63 8.86
C GLY B 203 -2.61 -2.50 10.25
N HIS B 204 -1.76 -2.73 11.25
CA HIS B 204 -2.14 -2.46 12.64
C HIS B 204 -1.83 -1.01 13.01
N PHE B 205 -0.74 -0.46 12.48
CA PHE B 205 -0.49 0.96 12.60
C PHE B 205 -1.51 1.76 11.82
N LEU B 206 -1.85 1.30 10.62
CA LEU B 206 -2.84 2.00 9.81
C LEU B 206 -4.20 1.99 10.48
N ASP B 207 -4.55 0.86 11.10
CA ASP B 207 -5.82 0.77 11.81
C ASP B 207 -5.89 1.79 12.94
N ARG B 208 -4.80 1.93 13.69
CA ARG B 208 -4.76 2.96 14.73
C ARG B 208 -4.89 4.34 14.13
N LEU B 209 -4.23 4.60 13.00
CA LEU B 209 -4.36 5.90 12.35
C LEU B 209 -5.78 6.12 11.83
N ARG B 210 -6.39 5.11 11.22
CA ARG B 210 -7.73 5.27 10.68
C ARG B 210 -8.72 5.56 11.79
N GLY B 211 -8.60 4.88 12.92
CA GLY B 211 -9.53 5.08 14.01
C GLY B 211 -9.04 6.01 15.10
N MET B 212 -8.39 7.11 14.73
CA MET B 212 -7.99 8.07 15.75
C MET B 212 -9.17 8.86 16.27
N GLU B 213 -10.21 9.05 15.46
CA GLU B 213 -11.38 9.76 15.93
C GLU B 213 -12.05 9.01 17.08
N THR B 214 -12.16 7.69 16.97
CA THR B 214 -12.69 6.89 18.06
C THR B 214 -11.72 6.86 19.23
N LEU B 215 -10.43 6.86 18.96
CA LEU B 215 -9.44 6.88 20.05
C LEU B 215 -9.49 8.20 20.80
N ARG B 216 -9.70 9.31 20.09
CA ARG B 216 -9.74 10.61 20.74
C ARG B 216 -10.88 10.70 21.74
N ILE B 217 -12.11 10.40 21.30
CA ILE B 217 -13.30 10.62 22.11
C ILE B 217 -13.30 9.77 23.37
N PHE B 218 -12.60 8.64 23.37
CA PHE B 218 -12.56 7.76 24.52
C PHE B 218 -11.31 7.94 25.36
N GLY B 219 -10.43 8.87 24.99
CA GLY B 219 -9.25 9.12 25.79
C GLY B 219 -8.22 8.01 25.78
N ARG B 220 -8.27 7.14 24.78
CA ARG B 220 -7.27 6.10 24.62
C ARG B 220 -6.12 6.55 23.73
N GLY B 221 -5.84 7.84 23.69
CA GLY B 221 -4.73 8.32 22.90
C GLY B 221 -3.40 7.82 23.41
N GLU B 222 -3.18 7.93 24.72
CA GLU B 222 -1.89 7.56 25.29
C GLU B 222 -1.80 6.09 25.67
N ALA B 223 -2.92 5.38 25.75
CA ALA B 223 -2.90 3.95 26.01
C ALA B 223 -2.84 3.13 24.73
N GLU B 224 -2.99 3.76 23.58
CA GLU B 224 -2.77 3.09 22.31
C GLU B 224 -1.41 3.44 21.70
N ILE B 225 -0.62 4.27 22.39
CA ILE B 225 0.79 4.41 22.03
C ILE B 225 1.58 3.25 22.63
N GLU B 226 1.27 2.89 23.87
CA GLU B 226 1.85 1.66 24.44
C GLU B 226 1.42 0.44 23.66
N SER B 227 0.24 0.50 23.02
CA SER B 227 -0.16 -0.60 22.15
C SER B 227 0.68 -0.64 20.89
N ILE B 228 1.04 0.52 20.36
CA ILE B 228 1.96 0.55 19.22
C ILE B 228 3.34 0.07 19.65
N ARG B 229 3.76 0.43 20.86
CA ARG B 229 5.07 0.00 21.33
C ARG B 229 5.10 -1.52 21.53
N SER B 230 4.08 -2.09 22.17
CA SER B 230 4.07 -3.52 22.40
C SER B 230 4.00 -4.30 21.10
N ALA B 231 3.20 -3.81 20.14
CA ALA B 231 3.11 -4.49 18.86
C ALA B 231 4.40 -4.39 18.07
N SER B 232 5.11 -3.27 18.17
CA SER B 232 6.39 -3.11 17.49
C SER B 232 7.51 -3.84 18.20
N GLU B 233 7.33 -4.17 19.49
CA GLU B 233 8.37 -4.90 20.20
C GLU B 233 8.21 -6.40 20.02
N ASP B 234 6.98 -6.90 19.94
CA ASP B 234 6.77 -8.31 19.63
C ASP B 234 7.27 -8.64 18.24
N PHE B 235 7.02 -7.76 17.27
CA PHE B 235 7.51 -8.02 15.92
C PHE B 235 9.02 -8.06 15.88
N ARG B 236 9.67 -7.08 16.51
CA ARG B 236 11.12 -7.06 16.54
C ARG B 236 11.68 -8.28 17.26
N GLN B 237 11.06 -8.67 18.37
CA GLN B 237 11.54 -9.82 19.13
C GLN B 237 11.35 -11.12 18.35
N ARG B 238 10.18 -11.30 17.73
CA ARG B 238 9.95 -12.50 16.93
C ARG B 238 10.87 -12.55 15.72
N THR B 239 11.10 -11.41 15.08
CA THR B 239 11.89 -11.39 13.85
C THR B 239 13.33 -11.80 14.12
N MET B 240 13.91 -11.35 15.22
CA MET B 240 15.33 -11.60 15.45
C MET B 240 15.58 -12.94 16.14
N GLU B 241 14.52 -13.67 16.47
CA GLU B 241 14.71 -15.09 16.72
C GLU B 241 14.93 -15.81 15.40
N VAL B 242 14.40 -15.26 14.31
CA VAL B 242 14.59 -15.85 12.99
C VAL B 242 15.83 -15.26 12.31
N LEU B 243 15.98 -13.94 12.35
CA LEU B 243 17.12 -13.31 11.71
C LEU B 243 18.44 -13.67 12.37
N ARG B 244 18.40 -14.21 13.59
CA ARG B 244 19.61 -14.71 14.21
C ARG B 244 20.18 -15.91 13.47
N LEU B 245 19.35 -16.60 12.69
CA LEU B 245 19.79 -17.73 11.89
C LEU B 245 19.83 -17.43 10.40
N ALA B 246 18.98 -16.54 9.90
CA ALA B 246 18.95 -16.25 8.48
C ALA B 246 20.20 -15.51 8.01
N PHE B 247 20.90 -14.84 8.90
CA PHE B 247 22.11 -14.11 8.54
C PHE B 247 23.37 -14.94 8.67
N LEU B 248 23.26 -16.19 9.12
CA LEU B 248 24.41 -17.09 9.05
C LEU B 248 24.79 -17.36 7.60
N SER B 249 23.79 -17.48 6.73
CA SER B 249 24.08 -17.68 5.31
C SER B 249 24.91 -16.54 4.74
N SER B 250 24.59 -15.30 5.14
CA SER B 250 25.43 -14.17 4.76
C SER B 250 26.80 -14.25 5.41
N GLY B 251 26.85 -14.65 6.68
CA GLY B 251 28.14 -14.75 7.36
C GLY B 251 28.98 -15.91 6.84
N ILE B 252 28.36 -17.09 6.69
CA ILE B 252 29.11 -18.28 6.27
C ILE B 252 29.68 -18.08 4.87
N LEU B 253 28.86 -17.56 3.95
CA LEU B 253 29.38 -17.31 2.61
C LEU B 253 30.51 -16.31 2.64
N GLU B 254 30.43 -15.31 3.52
CA GLU B 254 31.54 -14.40 3.73
C GLU B 254 32.72 -15.06 4.43
N PHE B 255 32.53 -16.27 4.96
CA PHE B 255 33.63 -17.01 5.57
C PHE B 255 34.34 -17.90 4.56
N PHE B 256 33.59 -18.58 3.70
CA PHE B 256 34.22 -19.42 2.69
C PHE B 256 34.86 -18.59 1.59
N THR B 257 34.52 -17.31 1.47
CA THR B 257 35.25 -16.43 0.57
C THR B 257 36.44 -15.78 1.25
N SER B 258 36.55 -15.89 2.57
CA SER B 258 37.72 -15.40 3.28
C SER B 258 38.76 -16.51 3.43
N LEU B 259 38.30 -17.73 3.68
CA LEU B 259 39.20 -18.87 3.72
C LEU B 259 39.84 -19.13 2.36
N SER B 260 39.04 -19.04 1.30
CA SER B 260 39.55 -19.35 -0.04
C SER B 260 40.59 -18.32 -0.47
N ILE B 261 40.38 -17.04 -0.18
CA ILE B 261 41.42 -16.06 -0.45
C ILE B 261 42.60 -16.25 0.50
N ALA B 262 42.32 -16.69 1.73
CA ALA B 262 43.41 -16.97 2.66
C ALA B 262 44.21 -18.19 2.23
N LEU B 263 43.53 -19.27 1.84
CA LEU B 263 44.23 -20.49 1.46
C LEU B 263 44.98 -20.33 0.15
N VAL B 264 44.43 -19.55 -0.79
CA VAL B 264 45.15 -19.29 -2.03
C VAL B 264 46.43 -18.51 -1.74
N ALA B 265 46.34 -17.51 -0.86
CA ALA B 265 47.52 -16.73 -0.54
C ALA B 265 48.57 -17.56 0.20
N VAL B 266 48.13 -18.39 1.14
CA VAL B 266 49.07 -19.19 1.93
C VAL B 266 49.70 -20.27 1.06
N TYR B 267 48.89 -20.96 0.25
CA TYR B 267 49.45 -22.01 -0.60
C TYR B 267 50.46 -21.45 -1.58
N PHE B 268 50.09 -20.39 -2.30
CA PHE B 268 51.04 -19.79 -3.23
C PHE B 268 52.22 -19.17 -2.50
N GLY B 269 51.95 -18.51 -1.37
CA GLY B 269 53.04 -17.89 -0.63
C GLY B 269 54.10 -18.88 -0.20
N PHE B 270 53.67 -20.02 0.35
CA PHE B 270 54.62 -21.05 0.74
C PHE B 270 55.16 -21.83 -0.45
N SER B 271 54.37 -21.91 -1.53
CA SER B 271 54.88 -22.55 -2.74
C SER B 271 56.08 -21.80 -3.30
N TYR B 272 56.01 -20.46 -3.28
CA TYR B 272 57.15 -19.66 -3.73
C TYR B 272 58.35 -19.87 -2.81
N LEU B 273 58.11 -20.06 -1.52
CA LEU B 273 59.18 -20.25 -0.55
C LEU B 273 59.69 -21.68 -0.51
N GLY B 274 59.08 -22.60 -1.27
CA GLY B 274 59.55 -23.96 -1.35
C GLY B 274 58.98 -24.91 -0.31
N GLU B 275 58.16 -24.43 0.62
CA GLU B 275 57.57 -25.31 1.61
C GLU B 275 56.61 -26.32 0.96
N LEU B 276 55.83 -25.87 -0.01
CA LEU B 276 54.84 -26.70 -0.68
C LEU B 276 55.25 -26.91 -2.13
N ASP B 277 55.27 -28.16 -2.59
CA ASP B 277 55.77 -28.47 -3.92
C ASP B 277 54.91 -29.53 -4.61
N PHE B 278 53.59 -29.39 -4.60
CA PHE B 278 52.71 -30.40 -5.17
C PHE B 278 51.72 -29.86 -6.19
N GLY B 279 51.21 -28.65 -6.02
CA GLY B 279 50.09 -28.20 -6.82
C GLY B 279 50.40 -28.03 -8.28
N HIS B 280 51.62 -27.57 -8.60
CA HIS B 280 51.95 -27.24 -9.97
C HIS B 280 52.04 -28.50 -10.84
N TYR B 281 52.02 -28.28 -12.15
CA TYR B 281 52.10 -29.38 -13.11
C TYR B 281 53.55 -29.78 -13.35
N ASP B 282 54.28 -30.07 -12.28
CA ASP B 282 55.72 -30.39 -12.36
C ASP B 282 56.48 -29.31 -13.11
N THR B 283 56.17 -28.06 -12.80
CA THR B 283 56.83 -26.91 -13.39
C THR B 283 56.80 -25.79 -12.35
N GLY B 284 57.81 -24.93 -12.39
CA GLY B 284 57.91 -23.84 -11.42
C GLY B 284 56.66 -22.97 -11.37
N VAL B 285 56.20 -22.68 -10.16
CA VAL B 285 54.99 -21.86 -10.00
C VAL B 285 55.35 -20.42 -10.33
N THR B 286 54.94 -19.97 -11.52
CA THR B 286 55.19 -18.60 -11.91
C THR B 286 54.35 -17.65 -11.06
N LEU B 287 54.81 -16.40 -10.96
CA LEU B 287 54.07 -15.41 -10.17
C LEU B 287 52.70 -15.16 -10.78
N ALA B 288 52.61 -15.08 -12.11
CA ALA B 288 51.33 -14.86 -12.75
C ALA B 288 50.39 -16.03 -12.56
N ALA B 289 50.90 -17.19 -12.15
CA ALA B 289 50.02 -18.29 -11.81
C ALA B 289 49.43 -18.12 -10.42
N GLY B 290 49.99 -17.21 -9.62
CA GLY B 290 49.44 -16.92 -8.32
C GLY B 290 48.54 -15.71 -8.32
N PHE B 291 48.85 -14.72 -9.15
CA PHE B 291 47.97 -13.56 -9.29
C PHE B 291 46.73 -13.91 -10.09
N LEU B 292 46.80 -14.89 -10.98
CA LEU B 292 45.60 -15.31 -11.69
C LEU B 292 44.59 -15.91 -10.72
N ALA B 293 45.05 -16.75 -9.80
CA ALA B 293 44.12 -17.36 -8.86
C ALA B 293 43.70 -16.39 -7.78
N LEU B 294 44.57 -15.46 -7.40
CA LEU B 294 44.24 -14.56 -6.31
C LEU B 294 43.26 -13.48 -6.77
N ILE B 295 43.39 -13.01 -8.00
CA ILE B 295 42.45 -12.03 -8.53
C ILE B 295 41.07 -12.67 -8.70
N LEU B 296 41.04 -13.92 -9.15
CA LEU B 296 39.79 -14.61 -9.43
C LEU B 296 39.17 -15.24 -8.19
N ALA B 297 39.91 -15.37 -7.10
CA ALA B 297 39.33 -15.94 -5.88
C ALA B 297 38.17 -15.11 -5.34
N PRO B 298 38.24 -13.77 -5.24
CA PRO B 298 37.05 -13.02 -4.83
C PRO B 298 36.00 -12.94 -5.92
N GLU B 299 36.39 -13.07 -7.19
CA GLU B 299 35.41 -13.09 -8.27
C GLU B 299 34.69 -14.42 -8.36
N PHE B 300 35.25 -15.48 -7.78
CA PHE B 300 34.57 -16.77 -7.74
C PHE B 300 33.30 -16.69 -6.89
N PHE B 301 33.39 -16.04 -5.73
CA PHE B 301 32.26 -15.92 -4.82
C PHE B 301 31.46 -14.64 -5.04
N GLN B 302 31.91 -13.76 -5.92
CA GLN B 302 31.19 -12.51 -6.17
C GLN B 302 29.77 -12.72 -6.66
N PRO B 303 29.48 -13.62 -7.60
CA PRO B 303 28.07 -13.81 -7.99
C PRO B 303 27.19 -14.27 -6.86
N LEU B 304 27.69 -15.08 -5.93
CA LEU B 304 26.88 -15.51 -4.79
C LEU B 304 26.72 -14.41 -3.77
N ARG B 305 27.73 -13.57 -3.58
CA ARG B 305 27.61 -12.49 -2.61
C ARG B 305 26.73 -11.36 -3.13
N ASP B 306 26.69 -11.16 -4.44
CA ASP B 306 25.73 -10.24 -5.02
C ASP B 306 24.31 -10.79 -4.96
N LEU B 307 24.16 -12.10 -4.79
CA LEU B 307 22.84 -12.70 -4.67
C LEU B 307 22.21 -12.43 -3.32
N GLY B 308 23.01 -12.24 -2.27
CA GLY B 308 22.47 -11.79 -1.00
C GLY B 308 21.93 -10.38 -1.08
N THR B 309 22.57 -9.53 -1.87
CA THR B 309 22.09 -8.17 -2.06
C THR B 309 20.70 -8.17 -2.68
N PHE B 310 20.40 -9.14 -3.54
CA PHE B 310 19.10 -9.25 -4.18
C PHE B 310 18.13 -10.13 -3.40
N TYR B 311 18.37 -10.35 -2.11
CA TYR B 311 17.44 -11.16 -1.34
C TYR B 311 16.07 -10.52 -1.30
N HIS B 312 16.02 -9.23 -1.01
CA HIS B 312 14.74 -8.53 -0.94
C HIS B 312 14.06 -8.44 -2.29
N ALA B 313 14.80 -8.61 -3.38
CA ALA B 313 14.17 -8.71 -4.68
C ALA B 313 13.28 -9.95 -4.76
N LYS B 314 13.76 -11.07 -4.23
CA LYS B 314 12.94 -12.28 -4.19
C LYS B 314 11.86 -12.20 -3.12
N ALA B 315 12.20 -11.70 -1.94
CA ALA B 315 11.25 -11.74 -0.83
C ALA B 315 10.06 -10.83 -1.08
N GLN B 316 10.24 -9.73 -1.81
CA GLN B 316 9.13 -8.86 -2.13
C GLN B 316 8.38 -9.31 -3.37
N ALA B 317 8.89 -10.32 -4.08
CA ALA B 317 8.16 -10.94 -5.17
C ALA B 317 7.47 -12.22 -4.77
N VAL B 318 8.01 -12.94 -3.78
CA VAL B 318 7.28 -14.08 -3.22
C VAL B 318 6.07 -13.61 -2.44
N GLY B 319 6.17 -12.49 -1.75
CA GLY B 319 4.99 -11.89 -1.15
C GLY B 319 4.00 -11.41 -2.17
N ALA B 320 4.49 -10.81 -3.26
CA ALA B 320 3.62 -10.38 -4.34
C ALA B 320 3.01 -11.57 -5.06
N ALA B 321 3.79 -12.63 -5.28
CA ALA B 321 3.24 -13.83 -5.88
C ALA B 321 2.32 -14.59 -4.94
N ASP B 322 2.40 -14.30 -3.64
CA ASP B 322 1.47 -14.91 -2.70
C ASP B 322 0.04 -14.49 -3.01
N SER B 323 -0.16 -13.22 -3.34
CA SER B 323 -1.49 -12.69 -3.60
C SER B 323 -1.91 -12.86 -5.05
N LEU B 324 -1.00 -12.68 -5.99
CA LEU B 324 -1.35 -12.85 -7.39
C LEU B 324 -1.75 -14.28 -7.70
N LYS B 325 -1.03 -15.25 -7.14
CA LYS B 325 -1.34 -16.65 -7.42
C LYS B 325 -2.71 -17.02 -6.87
N THR B 326 -3.02 -16.61 -5.63
CA THR B 326 -4.34 -16.86 -5.08
C THR B 326 -5.42 -16.03 -5.75
N PHE B 327 -5.05 -15.07 -6.58
CA PHE B 327 -6.05 -14.35 -7.35
C PHE B 327 -6.43 -15.07 -8.63
N MET B 328 -5.45 -15.58 -9.36
CA MET B 328 -5.74 -16.34 -10.58
C MET B 328 -6.19 -17.76 -10.28
N GLU B 329 -6.16 -18.19 -9.02
CA GLU B 329 -6.55 -19.55 -8.68
C GLU B 329 -7.89 -19.62 -7.96
N THR B 330 -8.40 -18.52 -7.47
CA THR B 330 -9.71 -18.55 -6.83
C THR B 330 -10.77 -18.87 -7.88
N PRO B 331 -11.67 -19.82 -7.62
CA PRO B 331 -12.66 -20.20 -8.62
C PRO B 331 -13.80 -19.20 -8.65
N LEU B 332 -14.14 -18.73 -9.85
CA LEU B 332 -15.16 -17.71 -10.04
C LEU B 332 -16.21 -18.23 -11.00
N ALA B 333 -17.48 -18.11 -10.61
CA ALA B 333 -18.57 -18.45 -11.49
C ALA B 333 -18.94 -17.24 -12.34
N HIS B 334 -18.91 -17.42 -13.65
CA HIS B 334 -19.21 -16.33 -14.56
C HIS B 334 -20.61 -16.50 -15.13
N PRO B 335 -21.31 -15.41 -15.43
CA PRO B 335 -22.60 -15.54 -16.11
C PRO B 335 -22.45 -16.25 -17.44
N GLN B 336 -23.43 -17.07 -17.77
CA GLN B 336 -23.38 -17.86 -19.00
C GLN B 336 -23.56 -16.95 -20.21
N ARG B 337 -22.66 -17.08 -21.17
CA ARG B 337 -22.68 -16.27 -22.38
C ARG B 337 -23.29 -17.09 -23.51
N GLY B 338 -24.40 -16.63 -24.06
CA GLY B 338 -25.06 -17.27 -25.17
C GLY B 338 -24.74 -16.60 -26.50
N GLU B 339 -25.63 -16.81 -27.48
CA GLU B 339 -25.47 -16.20 -28.79
C GLU B 339 -26.74 -15.57 -29.34
N ALA B 340 -27.91 -15.87 -28.79
CA ALA B 340 -29.15 -15.32 -29.32
C ALA B 340 -29.22 -13.82 -29.04
N GLU B 341 -29.94 -13.11 -29.90
CA GLU B 341 -30.12 -11.67 -29.75
C GLU B 341 -31.56 -11.31 -30.06
N LEU B 342 -32.02 -10.22 -29.44
CA LEU B 342 -33.41 -9.80 -29.61
C LEU B 342 -33.64 -9.27 -31.01
N ALA B 343 -34.80 -9.60 -31.57
CA ALA B 343 -35.12 -9.17 -32.93
C ALA B 343 -35.49 -7.70 -32.97
N SER B 344 -36.29 -7.22 -32.02
CA SER B 344 -36.84 -5.89 -32.07
C SER B 344 -36.43 -5.08 -30.85
N THR B 345 -36.44 -3.76 -31.02
CA THR B 345 -36.10 -2.83 -29.96
C THR B 345 -37.33 -2.35 -29.20
N ASP B 346 -38.40 -3.15 -29.19
CA ASP B 346 -39.63 -2.76 -28.45
C ASP B 346 -39.46 -3.10 -26.96
N PRO B 347 -40.29 -2.54 -26.04
CA PRO B 347 -40.19 -2.85 -24.61
C PRO B 347 -40.20 -4.36 -24.39
N VAL B 348 -39.28 -4.87 -23.55
CA VAL B 348 -39.18 -6.31 -23.33
C VAL B 348 -40.17 -6.72 -22.26
N THR B 349 -40.46 -8.02 -22.22
CA THR B 349 -41.32 -8.63 -21.22
C THR B 349 -40.48 -9.57 -20.38
N ILE B 350 -40.43 -9.31 -19.07
CA ILE B 350 -39.58 -10.07 -18.16
C ILE B 350 -40.45 -11.00 -17.34
N GLU B 351 -40.07 -12.27 -17.28
CA GLU B 351 -40.73 -13.25 -16.44
C GLU B 351 -39.68 -14.15 -15.81
N ALA B 352 -40.01 -14.67 -14.63
CA ALA B 352 -39.10 -15.53 -13.88
C ALA B 352 -39.87 -16.68 -13.27
N GLU B 353 -39.20 -17.83 -13.15
CA GLU B 353 -39.80 -19.02 -12.56
C GLU B 353 -38.74 -19.69 -11.69
N GLU B 354 -38.92 -19.62 -10.38
CA GLU B 354 -38.00 -20.21 -9.41
C GLU B 354 -36.57 -19.72 -9.67
N LEU B 355 -36.41 -18.41 -9.63
CA LEU B 355 -35.15 -17.76 -9.96
C LEU B 355 -34.26 -17.67 -8.73
N PHE B 356 -33.00 -18.05 -8.89
CA PHE B 356 -31.99 -17.96 -7.83
C PHE B 356 -30.81 -17.18 -8.37
N ILE B 357 -30.47 -16.07 -7.73
CA ILE B 357 -29.35 -15.24 -8.14
C ILE B 357 -28.18 -15.54 -7.21
N THR B 358 -27.01 -15.83 -7.79
CA THR B 358 -25.87 -16.28 -7.02
C THR B 358 -24.65 -15.39 -7.24
N SER B 359 -23.94 -15.11 -6.15
CA SER B 359 -22.70 -14.36 -6.19
C SER B 359 -21.65 -15.13 -6.97
N PRO B 360 -20.50 -14.51 -7.26
CA PRO B 360 -19.44 -15.26 -7.95
C PRO B 360 -18.97 -16.50 -7.23
N GLU B 361 -19.04 -16.52 -5.90
CA GLU B 361 -18.60 -17.67 -5.12
C GLU B 361 -19.71 -18.68 -4.87
N GLY B 362 -20.78 -18.66 -5.66
CA GLY B 362 -21.83 -19.64 -5.56
C GLY B 362 -22.85 -19.37 -4.47
N LYS B 363 -22.58 -18.40 -3.60
CA LYS B 363 -23.53 -18.05 -2.51
C LYS B 363 -24.79 -17.41 -3.13
N THR B 364 -25.97 -17.89 -2.74
CA THR B 364 -27.22 -17.35 -3.25
C THR B 364 -27.52 -16.01 -2.60
N LEU B 365 -27.80 -15.00 -3.44
CA LEU B 365 -28.13 -13.66 -2.97
C LEU B 365 -29.62 -13.39 -2.95
N ALA B 366 -30.37 -13.91 -3.92
CA ALA B 366 -31.81 -13.74 -3.99
C ALA B 366 -32.48 -15.10 -4.08
N GLY B 367 -33.44 -15.34 -3.19
CA GLY B 367 -34.15 -16.60 -3.15
C GLY B 367 -35.13 -16.73 -4.30
N PRO B 368 -36.07 -17.66 -4.18
CA PRO B 368 -36.98 -17.96 -5.30
C PRO B 368 -37.83 -16.76 -5.67
N LEU B 369 -37.72 -16.32 -6.91
CA LEU B 369 -38.50 -15.21 -7.44
C LEU B 369 -39.40 -15.72 -8.56
N ASN B 370 -40.69 -15.39 -8.50
CA ASN B 370 -41.66 -15.82 -9.49
C ASN B 370 -42.36 -14.65 -10.15
N PHE B 371 -41.73 -13.48 -10.18
CA PHE B 371 -42.37 -12.29 -10.72
C PHE B 371 -42.55 -12.41 -12.24
N THR B 372 -43.40 -11.53 -12.76
CA THR B 372 -43.63 -11.44 -14.20
C THR B 372 -43.99 -10.01 -14.54
N LEU B 373 -43.26 -9.41 -15.47
CA LEU B 373 -43.43 -8.00 -15.81
C LEU B 373 -43.82 -7.85 -17.27
N PRO B 374 -45.04 -7.45 -17.57
CA PRO B 374 -45.44 -7.25 -18.97
C PRO B 374 -44.69 -6.08 -19.59
N ALA B 375 -44.73 -6.03 -20.92
CA ALA B 375 -44.00 -5.01 -21.65
C ALA B 375 -44.57 -3.62 -21.35
N GLY B 376 -43.66 -2.67 -21.11
CA GLY B 376 -44.03 -1.29 -20.91
C GLY B 376 -44.50 -0.93 -19.52
N GLN B 377 -44.55 -1.88 -18.59
CA GLN B 377 -45.07 -1.65 -17.26
C GLN B 377 -43.94 -1.34 -16.29
N ARG B 378 -44.10 -0.27 -15.52
CA ARG B 378 -43.07 0.23 -14.62
C ARG B 378 -43.27 -0.41 -13.25
N ALA B 379 -42.44 -1.38 -12.91
CA ALA B 379 -42.51 -2.03 -11.61
C ALA B 379 -41.54 -1.38 -10.64
N VAL B 380 -41.79 -1.58 -9.35
CA VAL B 380 -40.97 -1.00 -8.29
C VAL B 380 -40.55 -2.10 -7.34
N LEU B 381 -39.28 -2.08 -6.94
CA LEU B 381 -38.74 -3.02 -5.96
C LEU B 381 -38.45 -2.27 -4.67
N VAL B 382 -39.16 -2.63 -3.61
CA VAL B 382 -38.97 -2.00 -2.31
C VAL B 382 -38.71 -3.08 -1.27
N GLY B 383 -38.10 -2.67 -0.18
CA GLY B 383 -37.81 -3.60 0.90
C GLY B 383 -36.73 -3.07 1.81
N ARG B 384 -36.51 -3.81 2.89
CA ARG B 384 -35.49 -3.43 3.86
C ARG B 384 -34.09 -3.70 3.31
N SER B 385 -33.10 -3.00 3.88
CA SER B 385 -31.69 -3.18 3.45
C SER B 385 -31.30 -4.66 3.55
N GLY B 386 -30.58 -5.18 2.56
CA GLY B 386 -30.14 -6.59 2.55
C GLY B 386 -31.18 -7.53 1.95
N SER B 387 -32.26 -6.97 1.40
CA SER B 387 -33.33 -7.78 0.76
C SER B 387 -32.78 -8.54 -0.45
N GLY B 388 -31.87 -7.91 -1.21
CA GLY B 388 -31.35 -8.55 -2.43
C GLY B 388 -31.99 -7.93 -3.67
N LYS B 389 -32.64 -6.78 -3.49
CA LYS B 389 -33.33 -6.06 -4.60
C LYS B 389 -32.29 -5.71 -5.68
N SER B 390 -31.11 -5.25 -5.27
CA SER B 390 -30.05 -4.90 -6.26
C SER B 390 -29.65 -6.15 -7.04
N SER B 391 -29.52 -7.28 -6.34
CA SER B 391 -29.14 -8.56 -6.99
C SER B 391 -30.05 -8.84 -8.18
N LEU B 392 -31.31 -8.41 -8.12
CA LEU B 392 -32.23 -8.61 -9.23
C LEU B 392 -31.91 -7.66 -10.37
N LEU B 393 -31.58 -6.40 -10.06
CA LEU B 393 -31.22 -5.46 -11.11
C LEU B 393 -29.85 -5.76 -11.70
N ASN B 394 -28.97 -6.38 -10.93
CA ASN B 394 -27.69 -6.82 -11.49
C ASN B 394 -27.84 -8.08 -12.33
N ALA B 395 -28.76 -8.97 -11.96
CA ALA B 395 -28.99 -10.17 -12.76
C ALA B 395 -29.53 -9.81 -14.13
N LEU B 396 -30.49 -8.87 -14.19
CA LEU B 396 -31.03 -8.46 -15.48
C LEU B 396 -29.99 -7.77 -16.34
N SER B 397 -28.96 -7.20 -15.72
CA SER B 397 -27.86 -6.60 -16.46
C SER B 397 -26.85 -7.63 -16.94
N GLY B 398 -26.94 -8.86 -16.47
CA GLY B 398 -25.99 -9.88 -16.84
C GLY B 398 -24.74 -9.94 -15.99
N PHE B 399 -24.72 -9.26 -14.84
CA PHE B 399 -23.57 -9.27 -13.96
C PHE B 399 -23.58 -10.42 -12.97
N LEU B 400 -24.67 -11.17 -12.88
CA LEU B 400 -24.80 -12.25 -11.92
C LEU B 400 -25.35 -13.49 -12.62
N SER B 401 -24.97 -14.65 -12.11
CA SER B 401 -25.35 -15.92 -12.69
C SER B 401 -26.50 -16.52 -11.90
N TYR B 402 -27.53 -16.98 -12.61
CA TYR B 402 -28.75 -17.48 -12.00
C TYR B 402 -29.00 -18.92 -12.39
N GLN B 403 -29.59 -19.68 -11.48
CA GLN B 403 -29.86 -21.10 -11.69
C GLN B 403 -31.33 -21.38 -11.98
N GLY B 404 -32.13 -20.35 -12.25
CA GLY B 404 -33.53 -20.57 -12.53
C GLY B 404 -33.88 -20.29 -13.99
N SER B 405 -35.02 -19.65 -14.22
CA SER B 405 -35.42 -19.23 -15.55
C SER B 405 -35.75 -17.74 -15.50
N LEU B 406 -35.08 -16.96 -16.36
CA LEU B 406 -35.29 -15.52 -16.46
C LEU B 406 -35.37 -15.18 -17.94
N ARG B 407 -36.58 -15.13 -18.48
CA ARG B 407 -36.80 -15.09 -19.92
C ARG B 407 -37.17 -13.67 -20.36
N ILE B 408 -36.32 -13.08 -21.19
CA ILE B 408 -36.62 -11.81 -21.82
C ILE B 408 -37.32 -12.10 -23.15
N ASN B 409 -38.56 -11.64 -23.28
CA ASN B 409 -39.39 -11.93 -24.46
C ASN B 409 -39.46 -13.44 -24.71
N GLY B 410 -39.47 -14.22 -23.64
CA GLY B 410 -39.43 -15.66 -23.74
C GLY B 410 -38.04 -16.24 -23.93
N ILE B 411 -37.13 -15.48 -24.53
CA ILE B 411 -35.75 -15.94 -24.72
C ILE B 411 -35.06 -15.91 -23.37
N GLU B 412 -34.48 -17.05 -22.97
CA GLU B 412 -33.80 -17.11 -21.69
C GLU B 412 -32.59 -16.19 -21.71
N LEU B 413 -32.30 -15.59 -20.55
CA LEU B 413 -31.22 -14.60 -20.50
C LEU B 413 -29.85 -15.23 -20.69
N ARG B 414 -29.71 -16.52 -20.36
CA ARG B 414 -28.43 -17.18 -20.61
C ARG B 414 -28.11 -17.20 -22.11
N ASP B 415 -29.10 -17.45 -22.94
CA ASP B 415 -28.89 -17.55 -24.38
C ASP B 415 -28.62 -16.19 -25.03
N LEU B 416 -28.79 -15.10 -24.29
CA LEU B 416 -28.62 -13.77 -24.87
C LEU B 416 -27.15 -13.39 -24.87
N SER B 417 -26.61 -13.08 -26.04
CA SER B 417 -25.25 -12.60 -26.15
C SER B 417 -25.19 -11.21 -25.52
N PRO B 418 -24.37 -10.99 -24.50
CA PRO B 418 -24.43 -9.70 -23.79
C PRO B 418 -24.15 -8.51 -24.68
N GLU B 419 -23.21 -8.62 -25.61
CA GLU B 419 -22.85 -7.46 -26.42
C GLU B 419 -24.03 -6.94 -27.24
N SER B 420 -25.04 -7.77 -27.48
CA SER B 420 -26.27 -7.32 -28.13
C SER B 420 -27.40 -7.09 -27.15
N TRP B 421 -27.39 -7.74 -25.99
CA TRP B 421 -28.41 -7.48 -24.98
C TRP B 421 -28.19 -6.15 -24.29
N ARG B 422 -26.94 -5.82 -23.98
CA ARG B 422 -26.65 -4.57 -23.28
C ARG B 422 -27.00 -3.35 -24.13
N LYS B 423 -27.14 -3.51 -25.45
CA LYS B 423 -27.58 -2.39 -26.27
C LYS B 423 -29.06 -2.06 -26.05
N HIS B 424 -29.84 -3.00 -25.52
CA HIS B 424 -31.23 -2.77 -25.18
C HIS B 424 -31.41 -2.51 -23.69
N LEU B 425 -30.46 -1.84 -23.06
CA LEU B 425 -30.45 -1.70 -21.61
C LEU B 425 -29.96 -0.31 -21.23
N SER B 426 -30.37 0.14 -20.05
CA SER B 426 -29.88 1.39 -19.48
C SER B 426 -30.04 1.31 -17.97
N TRP B 427 -29.05 1.83 -17.25
CA TRP B 427 -28.99 1.67 -15.80
C TRP B 427 -28.44 2.93 -15.18
N VAL B 428 -29.04 3.35 -14.06
CA VAL B 428 -28.59 4.56 -13.37
C VAL B 428 -27.76 4.16 -12.16
N GLY B 429 -28.36 3.40 -11.25
CA GLY B 429 -27.60 2.86 -10.13
C GLY B 429 -27.48 3.83 -8.96
N GLN B 430 -27.16 3.27 -7.80
CA GLN B 430 -27.06 4.05 -6.54
C GLN B 430 -25.96 5.11 -6.63
N ASN B 431 -24.75 4.70 -7.04
CA ASN B 431 -23.59 5.62 -7.17
C ASN B 431 -23.39 5.95 -8.65
N PRO B 432 -23.24 7.23 -9.06
CA PRO B 432 -23.08 7.59 -10.46
C PRO B 432 -21.82 6.97 -11.09
N GLN B 433 -20.70 7.01 -10.36
CA GLN B 433 -19.44 6.39 -10.84
C GLN B 433 -19.09 6.84 -12.27
N LEU B 434 -19.08 8.15 -12.54
CA LEU B 434 -18.72 8.60 -13.91
C LEU B 434 -17.29 8.12 -14.19
N PRO B 435 -17.00 7.48 -15.35
CA PRO B 435 -15.66 6.97 -15.65
C PRO B 435 -14.82 7.75 -16.67
N ALA B 436 -15.36 8.81 -17.27
CA ALA B 436 -14.60 9.56 -18.25
C ALA B 436 -14.03 10.83 -17.61
N ALA B 437 -13.35 11.62 -18.42
CA ALA B 437 -12.64 12.79 -17.89
C ALA B 437 -13.47 14.06 -18.02
N THR B 438 -14.05 14.29 -19.19
CA THR B 438 -14.80 15.51 -19.46
C THR B 438 -16.29 15.24 -19.31
N LEU B 439 -16.98 16.17 -18.64
CA LEU B 439 -18.42 16.00 -18.40
C LEU B 439 -19.19 15.85 -19.69
N ARG B 440 -18.75 16.50 -20.76
CA ARG B 440 -19.43 16.36 -22.05
C ARG B 440 -19.33 14.93 -22.57
N ASP B 441 -18.19 14.28 -22.33
CA ASP B 441 -18.03 12.89 -22.72
C ASP B 441 -18.60 11.91 -21.70
N ASN B 442 -18.80 12.36 -20.47
CA ASN B 442 -19.50 11.54 -19.49
C ASN B 442 -20.92 11.25 -19.93
N VAL B 443 -21.62 12.28 -20.41
CA VAL B 443 -22.99 12.12 -20.87
C VAL B 443 -23.02 11.33 -22.17
N LEU B 444 -22.09 11.60 -23.07
CA LEU B 444 -22.05 10.94 -24.38
C LEU B 444 -21.46 9.55 -24.31
N LEU B 445 -21.29 8.98 -23.13
CA LEU B 445 -20.73 7.62 -23.06
C LEU B 445 -21.66 6.61 -23.70
N ALA B 446 -22.96 6.89 -23.75
CA ALA B 446 -23.90 5.95 -24.35
C ALA B 446 -23.58 5.74 -25.83
N ARG B 447 -23.45 6.82 -26.59
CA ARG B 447 -23.01 6.75 -27.98
C ARG B 447 -21.95 7.83 -28.17
N PRO B 448 -20.78 7.48 -28.68
CA PRO B 448 -19.67 8.45 -28.72
C PRO B 448 -19.97 9.69 -29.54
N ASP B 449 -20.71 9.54 -30.64
CA ASP B 449 -21.01 10.65 -31.54
C ASP B 449 -22.52 10.81 -31.65
N ALA B 450 -23.01 11.96 -31.18
CA ALA B 450 -24.42 12.29 -31.30
C ALA B 450 -24.54 13.77 -31.69
N SER B 451 -25.61 14.08 -32.41
CA SER B 451 -25.83 15.46 -32.83
C SER B 451 -26.03 16.36 -31.61
N GLU B 452 -25.57 17.61 -31.74
CA GLU B 452 -25.68 18.54 -30.63
C GLU B 452 -27.12 18.75 -30.18
N GLN B 453 -28.06 18.40 -31.07
CA GLN B 453 -29.50 18.48 -30.73
C GLN B 453 -29.79 17.38 -29.71
N GLU B 454 -29.20 16.19 -29.92
CA GLU B 454 -29.40 15.06 -29.01
C GLU B 454 -28.73 15.30 -27.66
N LEU B 455 -27.47 15.75 -27.69
CA LEU B 455 -26.76 16.00 -26.44
C LEU B 455 -27.46 17.09 -25.63
N GLN B 456 -27.88 18.17 -26.29
CA GLN B 456 -28.59 19.23 -25.58
C GLN B 456 -29.93 18.73 -25.06
N ALA B 457 -30.60 17.87 -25.83
CA ALA B 457 -31.86 17.31 -25.37
C ALA B 457 -31.67 16.52 -24.08
N ALA B 458 -30.59 15.76 -23.98
CA ALA B 458 -30.32 15.01 -22.76
C ALA B 458 -30.04 15.95 -21.59
N LEU B 459 -29.26 17.01 -21.83
CA LEU B 459 -28.89 17.91 -20.74
C LEU B 459 -30.10 18.64 -20.18
N ASP B 460 -30.99 19.11 -21.05
CA ASP B 460 -32.18 19.82 -20.56
C ASP B 460 -33.16 18.87 -19.90
N ASN B 461 -33.42 17.71 -20.53
CA ASN B 461 -34.39 16.77 -19.98
C ASN B 461 -33.96 16.21 -18.63
N ALA B 462 -32.66 16.07 -18.42
CA ALA B 462 -32.14 15.56 -17.17
C ALA B 462 -31.79 16.65 -16.16
N TRP B 463 -32.10 17.91 -16.48
CA TRP B 463 -31.78 19.05 -15.62
C TRP B 463 -30.30 19.12 -15.31
N VAL B 464 -29.48 18.91 -16.34
CA VAL B 464 -28.06 19.19 -16.24
C VAL B 464 -27.77 20.64 -16.66
N SER B 465 -28.63 21.20 -17.52
CA SER B 465 -28.38 22.53 -18.06
C SER B 465 -28.45 23.62 -17.00
N GLU B 466 -29.16 23.40 -15.90
CA GLU B 466 -29.35 24.48 -14.94
C GLU B 466 -28.13 24.69 -14.05
N PHE B 467 -27.17 23.77 -14.03
CA PHE B 467 -26.00 23.92 -13.19
C PHE B 467 -24.70 23.93 -13.99
N LEU B 468 -24.76 23.98 -15.31
CA LEU B 468 -23.54 24.18 -16.09
C LEU B 468 -22.85 25.51 -15.78
N PRO B 469 -23.55 26.65 -15.69
CA PRO B 469 -22.86 27.89 -15.36
C PRO B 469 -22.09 27.84 -14.05
N LEU B 470 -22.58 27.09 -13.07
CA LEU B 470 -21.87 26.97 -11.80
C LEU B 470 -20.49 26.39 -11.98
N LEU B 471 -20.32 25.50 -12.96
CA LEU B 471 -19.01 24.93 -13.24
C LEU B 471 -18.15 25.98 -13.94
N PRO B 472 -16.82 25.94 -13.76
CA PRO B 472 -15.97 26.96 -14.39
C PRO B 472 -16.02 26.94 -15.90
N GLN B 473 -15.73 25.81 -16.53
CA GLN B 473 -15.69 25.71 -17.98
C GLN B 473 -17.02 25.28 -18.58
N GLY B 474 -18.01 24.99 -17.75
CA GLY B 474 -19.34 24.66 -18.28
C GLY B 474 -19.45 23.19 -18.61
N VAL B 475 -19.95 22.91 -19.82
CA VAL B 475 -20.23 21.53 -20.21
C VAL B 475 -18.94 20.71 -20.34
N ASP B 476 -17.85 21.33 -20.80
CA ASP B 476 -16.59 20.62 -21.02
C ASP B 476 -15.74 20.57 -19.77
N THR B 477 -16.33 20.72 -18.60
CA THR B 477 -15.55 20.72 -17.36
C THR B 477 -14.96 19.33 -17.11
N PRO B 478 -13.69 19.25 -16.71
CA PRO B 478 -13.15 17.97 -16.26
C PRO B 478 -13.85 17.47 -15.01
N VAL B 479 -13.93 16.15 -14.88
CA VAL B 479 -14.60 15.55 -13.73
C VAL B 479 -13.60 15.18 -12.64
N GLY B 480 -12.37 14.82 -13.02
CA GLY B 480 -11.34 14.59 -12.04
C GLY B 480 -11.51 13.27 -11.29
N ASP B 481 -10.71 13.15 -10.23
CA ASP B 481 -10.68 11.93 -9.43
C ASP B 481 -12.01 11.77 -8.70
N GLN B 482 -12.75 10.72 -9.07
CA GLN B 482 -14.03 10.34 -8.42
C GLN B 482 -15.01 11.51 -8.34
N ALA B 483 -15.21 12.22 -9.44
CA ALA B 483 -16.21 13.30 -9.54
C ALA B 483 -16.01 14.33 -8.43
N ALA B 484 -14.77 14.75 -8.23
CA ALA B 484 -14.46 15.70 -7.17
C ALA B 484 -14.90 17.12 -7.54
N ARG B 485 -14.71 17.52 -8.81
CA ARG B 485 -14.95 18.91 -9.20
C ARG B 485 -16.41 19.29 -9.01
N LEU B 486 -17.31 18.33 -9.09
CA LEU B 486 -18.74 18.57 -8.98
C LEU B 486 -19.34 17.73 -7.86
N SER B 487 -20.50 18.18 -7.38
CA SER B 487 -21.12 17.62 -6.18
C SER B 487 -21.92 16.36 -6.48
N VAL B 488 -22.19 15.60 -5.43
CA VAL B 488 -22.94 14.35 -5.59
C VAL B 488 -24.36 14.63 -6.07
N GLY B 489 -24.95 15.74 -5.61
CA GLY B 489 -26.29 16.08 -6.03
C GLY B 489 -26.41 16.25 -7.53
N GLN B 490 -25.42 16.89 -8.15
CA GLN B 490 -25.39 17.06 -9.58
C GLN B 490 -24.49 16.06 -10.29
N ALA B 491 -23.88 15.13 -9.55
CA ALA B 491 -23.22 14.00 -10.19
C ALA B 491 -24.25 13.02 -10.70
N GLN B 492 -25.25 12.74 -9.87
CA GLN B 492 -26.36 11.81 -10.19
C GLN B 492 -27.11 12.32 -11.43
N ARG B 493 -27.25 13.64 -11.56
CA ARG B 493 -27.97 14.23 -12.67
C ARG B 493 -27.23 14.04 -13.98
N VAL B 494 -25.91 13.94 -13.94
CA VAL B 494 -25.16 13.59 -15.15
C VAL B 494 -25.41 12.13 -15.52
N ALA B 495 -25.51 11.26 -14.52
CA ALA B 495 -25.82 9.86 -14.79
C ALA B 495 -27.18 9.72 -15.46
N VAL B 496 -28.16 10.52 -15.03
CA VAL B 496 -29.48 10.47 -15.65
C VAL B 496 -29.39 10.89 -17.11
N ALA B 497 -28.66 11.96 -17.41
CA ALA B 497 -28.51 12.39 -18.79
C ALA B 497 -27.84 11.32 -19.63
N ARG B 498 -26.95 10.54 -19.03
CA ARG B 498 -26.31 9.44 -19.76
C ARG B 498 -27.31 8.35 -20.08
N ALA B 499 -28.26 8.10 -19.17
CA ALA B 499 -29.26 7.06 -19.40
C ALA B 499 -30.32 7.48 -20.40
N LEU B 500 -30.64 8.77 -20.47
CA LEU B 500 -31.69 9.27 -21.36
C LEU B 500 -31.19 9.52 -22.78
N LEU B 501 -29.90 9.37 -23.04
CA LEU B 501 -29.36 9.77 -24.33
C LEU B 501 -29.70 8.77 -25.43
N ASN B 502 -29.77 7.48 -25.11
CA ASN B 502 -30.04 6.52 -26.15
C ASN B 502 -31.46 5.96 -26.02
N PRO B 503 -32.08 5.54 -27.12
CA PRO B 503 -33.31 4.77 -27.01
C PRO B 503 -33.03 3.47 -26.29
N CYS B 504 -33.96 3.06 -25.44
CA CYS B 504 -33.77 1.90 -24.59
C CYS B 504 -35.01 1.02 -24.64
N SER B 505 -34.81 -0.27 -24.38
CA SER B 505 -35.90 -1.22 -24.29
C SER B 505 -36.20 -1.64 -22.86
N LEU B 506 -35.23 -1.49 -21.96
CA LEU B 506 -35.42 -1.77 -20.54
C LEU B 506 -34.56 -0.80 -19.76
N LEU B 507 -35.14 -0.14 -18.77
CA LEU B 507 -34.43 0.86 -17.96
C LEU B 507 -34.44 0.40 -16.51
N LEU B 508 -33.26 0.28 -15.92
CA LEU B 508 -33.11 -0.13 -14.53
C LEU B 508 -32.62 1.04 -13.71
N LEU B 509 -33.31 1.33 -12.61
CA LEU B 509 -32.98 2.46 -11.74
C LEU B 509 -32.86 1.93 -10.32
N ASP B 510 -31.64 1.85 -9.82
CA ASP B 510 -31.36 1.25 -8.52
C ASP B 510 -31.05 2.37 -7.53
N GLU B 511 -32.09 2.80 -6.80
CA GLU B 511 -32.00 3.86 -5.74
C GLU B 511 -31.41 5.16 -6.29
N PRO B 512 -32.04 5.83 -7.28
CA PRO B 512 -31.52 7.08 -7.84
C PRO B 512 -31.48 8.28 -6.88
N ALA B 513 -32.49 8.46 -6.02
CA ALA B 513 -32.52 9.63 -5.12
C ALA B 513 -31.75 9.37 -3.81
N ALA B 514 -31.24 8.14 -3.65
CA ALA B 514 -30.53 7.72 -2.41
C ALA B 514 -29.44 8.72 -1.99
N SER B 515 -29.58 9.24 -0.76
CA SER B 515 -28.61 10.12 -0.11
C SER B 515 -28.18 11.24 -1.04
N LEU B 516 -29.16 11.89 -1.65
CA LEU B 516 -28.92 12.91 -2.66
C LEU B 516 -29.36 14.26 -2.10
N ASP B 517 -28.80 15.33 -2.64
CA ASP B 517 -29.13 16.67 -2.17
C ASP B 517 -30.60 16.96 -2.39
N ALA B 518 -31.18 17.76 -1.49
CA ALA B 518 -32.62 17.88 -1.39
C ALA B 518 -33.23 18.42 -2.68
N HIS B 519 -32.65 19.47 -3.25
CA HIS B 519 -33.19 20.01 -4.49
C HIS B 519 -32.89 19.09 -5.67
N SER B 520 -31.67 18.59 -5.75
CA SER B 520 -31.31 17.67 -6.83
C SER B 520 -32.04 16.34 -6.72
N GLU B 521 -32.63 16.05 -5.56
CA GLU B 521 -33.42 14.83 -5.42
C GLU B 521 -34.72 14.93 -6.19
N GLN B 522 -35.34 16.11 -6.13
CA GLN B 522 -36.63 16.37 -6.83
C GLN B 522 -36.39 16.47 -8.33
N ARG B 523 -35.23 17.01 -8.74
CA ARG B 523 -34.96 17.19 -10.15
C ARG B 523 -34.85 15.85 -10.86
N VAL B 524 -34.12 14.90 -10.26
CA VAL B 524 -33.93 13.59 -10.88
C VAL B 524 -35.25 12.84 -10.95
N MET B 525 -36.00 12.83 -9.84
CA MET B 525 -37.31 12.17 -9.82
C MET B 525 -38.20 12.67 -10.95
N GLU B 526 -38.14 13.97 -11.25
CA GLU B 526 -38.98 14.52 -12.31
C GLU B 526 -38.55 13.98 -13.67
N ALA B 527 -37.26 13.78 -13.87
CA ALA B 527 -36.79 13.26 -15.16
C ALA B 527 -37.14 11.79 -15.32
N LEU B 528 -36.93 10.99 -14.28
CA LEU B 528 -37.10 9.55 -14.40
C LEU B 528 -38.57 9.16 -14.44
N ASN B 529 -39.41 9.82 -13.65
CA ASN B 529 -40.83 9.54 -13.69
C ASN B 529 -41.41 9.80 -15.08
N ALA B 530 -40.82 10.76 -15.80
CA ALA B 530 -41.22 10.96 -17.19
C ALA B 530 -40.50 10.00 -18.12
N ALA B 531 -39.29 9.58 -17.77
CA ALA B 531 -38.52 8.69 -18.63
C ALA B 531 -39.01 7.26 -18.54
N SER B 532 -39.50 6.84 -17.36
CA SER B 532 -39.91 5.47 -17.16
C SER B 532 -41.15 5.09 -17.93
N LEU B 533 -41.87 6.05 -18.49
CA LEU B 533 -43.12 5.74 -19.19
C LEU B 533 -42.90 5.15 -20.58
N ARG B 534 -41.72 5.31 -21.16
CA ARG B 534 -41.52 4.98 -22.56
C ARG B 534 -41.07 3.54 -22.80
N GLN B 535 -40.76 2.78 -21.75
CA GLN B 535 -40.25 1.43 -21.92
C GLN B 535 -40.36 0.68 -20.60
N THR B 536 -40.14 -0.63 -20.67
CA THR B 536 -40.19 -1.45 -19.46
C THR B 536 -39.18 -0.96 -18.44
N THR B 537 -39.67 -0.47 -17.32
CA THR B 537 -38.83 0.12 -16.29
C THR B 537 -38.91 -0.73 -15.03
N LEU B 538 -37.81 -0.76 -14.29
CA LEU B 538 -37.75 -1.47 -13.02
C LEU B 538 -36.93 -0.63 -12.06
N MET B 539 -37.59 -0.05 -11.06
CA MET B 539 -36.96 0.91 -10.17
C MET B 539 -36.86 0.34 -8.76
N VAL B 540 -35.71 0.53 -8.13
CA VAL B 540 -35.51 0.21 -6.72
C VAL B 540 -35.50 1.52 -5.95
N THR B 541 -36.35 1.63 -4.95
CA THR B 541 -36.43 2.87 -4.20
C THR B 541 -36.97 2.60 -2.80
N HIS B 542 -36.65 3.51 -1.89
CA HIS B 542 -37.25 3.52 -0.56
C HIS B 542 -38.12 4.75 -0.34
N GLN B 543 -38.22 5.64 -1.33
CA GLN B 543 -39.10 6.80 -1.25
C GLN B 543 -40.51 6.33 -1.56
N LEU B 544 -41.13 5.70 -0.56
CA LEU B 544 -42.37 4.99 -0.72
C LEU B 544 -43.60 5.89 -0.82
N GLU B 545 -43.46 7.18 -0.55
CA GLU B 545 -44.63 8.04 -0.40
C GLU B 545 -45.20 8.54 -1.72
N ASP B 546 -44.58 8.25 -2.85
CA ASP B 546 -45.06 8.75 -4.14
C ASP B 546 -45.06 7.67 -5.21
N LEU B 547 -45.32 6.43 -4.84
CA LEU B 547 -45.39 5.33 -5.79
C LEU B 547 -46.79 5.14 -6.35
N ALA B 548 -47.63 6.18 -6.31
CA ALA B 548 -49.03 6.02 -6.69
C ALA B 548 -49.19 5.67 -8.16
N ASP B 549 -48.42 6.33 -9.03
CA ASP B 549 -48.61 6.15 -10.46
C ASP B 549 -48.04 4.83 -10.97
N TRP B 550 -46.95 4.35 -10.37
CA TRP B 550 -46.32 3.12 -10.84
C TRP B 550 -47.27 1.95 -10.67
N ASP B 551 -47.42 1.16 -11.74
CA ASP B 551 -48.54 0.23 -11.81
C ASP B 551 -48.31 -1.05 -11.01
N VAL B 552 -47.07 -1.47 -10.81
CA VAL B 552 -46.77 -2.69 -10.07
C VAL B 552 -45.73 -2.38 -9.01
N ILE B 553 -45.91 -2.95 -7.82
CA ILE B 553 -44.98 -2.76 -6.71
C ILE B 553 -44.66 -4.13 -6.13
N TRP B 554 -43.38 -4.49 -6.14
CA TRP B 554 -42.91 -5.72 -5.50
C TRP B 554 -42.19 -5.38 -4.21
N VAL B 555 -42.46 -6.14 -3.16
CA VAL B 555 -41.79 -5.99 -1.88
C VAL B 555 -40.91 -7.21 -1.69
N MET B 556 -39.62 -6.98 -1.49
CA MET B 556 -38.63 -8.05 -1.35
C MET B 556 -38.19 -8.15 0.10
N GLN B 557 -38.33 -9.34 0.68
CA GLN B 557 -37.81 -9.62 2.01
C GLN B 557 -37.07 -10.94 1.98
N ASP B 558 -35.85 -10.94 2.51
CA ASP B 558 -35.01 -12.14 2.61
C ASP B 558 -34.83 -12.80 1.24
N GLY B 559 -34.64 -11.98 0.22
CA GLY B 559 -34.33 -12.48 -1.10
C GLY B 559 -35.48 -13.00 -1.90
N ARG B 560 -36.71 -12.92 -1.40
CA ARG B 560 -37.88 -13.40 -2.12
C ARG B 560 -38.97 -12.34 -2.13
N ILE B 561 -39.69 -12.27 -3.24
CA ILE B 561 -40.80 -11.33 -3.34
C ILE B 561 -41.98 -11.88 -2.55
N ILE B 562 -42.47 -11.11 -1.59
CA ILE B 562 -43.53 -11.57 -0.70
C ILE B 562 -44.81 -10.79 -0.87
N GLU B 563 -44.86 -9.85 -1.81
CA GLU B 563 -46.08 -9.06 -2.00
C GLU B 563 -46.06 -8.45 -3.38
N GLN B 564 -47.24 -8.08 -3.86
CA GLN B 564 -47.40 -7.50 -5.18
C GLN B 564 -48.66 -6.64 -5.21
N GLY B 565 -48.77 -5.81 -6.22
CA GLY B 565 -49.96 -5.00 -6.45
C GLY B 565 -49.65 -3.52 -6.46
N ARG B 566 -50.67 -2.75 -6.85
CA ARG B 566 -50.53 -1.32 -7.00
C ARG B 566 -50.48 -0.62 -5.64
N TYR B 567 -50.05 0.65 -5.66
CA TYR B 567 -49.85 1.38 -4.41
C TYR B 567 -51.16 1.62 -3.67
N ALA B 568 -52.26 1.75 -4.42
CA ALA B 568 -53.53 2.12 -3.81
C ALA B 568 -53.99 1.08 -2.80
N GLU B 569 -53.83 -0.20 -3.13
CA GLU B 569 -54.35 -1.25 -2.26
C GLU B 569 -53.31 -1.74 -1.25
N LEU B 570 -52.02 -1.61 -1.56
CA LEU B 570 -50.99 -2.03 -0.61
C LEU B 570 -50.91 -1.09 0.58
N SER B 571 -51.24 0.19 0.39
CA SER B 571 -51.15 1.14 1.50
C SER B 571 -52.09 0.76 2.64
N VAL B 572 -53.30 0.29 2.31
CA VAL B 572 -54.28 -0.07 3.32
C VAL B 572 -54.30 -1.55 3.66
N ALA B 573 -53.59 -2.39 2.89
CA ALA B 573 -53.66 -3.83 3.11
C ALA B 573 -53.06 -4.25 4.44
N GLY B 574 -52.26 -3.41 5.08
CA GLY B 574 -51.67 -3.74 6.35
C GLY B 574 -50.54 -4.74 6.30
N GLY B 575 -50.05 -5.09 5.12
CA GLY B 575 -49.02 -6.07 4.97
C GLY B 575 -47.64 -5.49 5.19
N PRO B 576 -46.62 -6.18 4.68
CA PRO B 576 -45.24 -5.69 4.86
C PRO B 576 -45.00 -4.31 4.28
N PHE B 577 -45.66 -3.96 3.18
CA PHE B 577 -45.46 -2.64 2.61
C PHE B 577 -45.91 -1.54 3.57
N ALA B 578 -47.05 -1.75 4.22
CA ALA B 578 -47.53 -0.75 5.18
C ALA B 578 -46.54 -0.55 6.31
N THR B 579 -45.96 -1.64 6.80
CA THR B 579 -44.92 -1.52 7.83
C THR B 579 -43.72 -0.74 7.31
N LEU B 580 -43.28 -1.04 6.09
CA LEU B 580 -42.20 -0.26 5.48
C LEU B 580 -42.63 1.18 5.25
N LEU B 581 -43.87 1.38 4.81
CA LEU B 581 -44.37 2.73 4.61
C LEU B 581 -44.42 3.51 5.92
N ALA B 582 -44.82 2.84 7.00
CA ALA B 582 -44.85 3.49 8.30
C ALA B 582 -43.45 3.90 8.73
N HIS B 583 -42.46 3.03 8.52
CA HIS B 583 -41.09 3.35 8.92
C HIS B 583 -40.55 4.54 8.14
N ARG B 584 -40.80 4.57 6.84
CA ARG B 584 -40.29 5.68 6.02
C ARG B 584 -40.94 6.99 6.40
N GLN B 585 -42.22 6.97 6.78
CA GLN B 585 -42.93 8.21 7.08
C GLN B 585 -42.33 8.97 8.24
N GLU B 586 -41.57 8.30 9.10
CA GLU B 586 -40.96 8.99 10.25
C GLU B 586 -39.78 9.85 9.82
N GLU B 587 -38.95 9.34 8.91
CA GLU B 587 -37.77 10.09 8.48
C GLU B 587 -38.18 11.39 7.80
N ILE B 588 -37.53 12.48 8.19
CA ILE B 588 -37.79 13.79 7.61
C ILE B 588 -36.56 14.31 6.90
#